data_3AMK
#
_entry.id   3AMK
#
_cell.length_a   43.894
_cell.length_b   114.854
_cell.length_c   66.819
_cell.angle_alpha   90.00
_cell.angle_beta   93.98
_cell.angle_gamma   90.00
#
_symmetry.space_group_name_H-M   'P 1 21 1'
#
loop_
_entity.id
_entity.type
_entity.pdbx_description
1 polymer 'Os06g0726400 protein'
2 non-polymer 'PHOSPHATE ION'
3 non-polymer GLYCEROL
4 water water
#
_entity_poly.entity_id   1
_entity_poly.type   'polypeptide(L)'
_entity_poly.pdbx_seq_one_letter_code
;MVTVVEEVDHLPIYDLDPKLEEFKDHFNYRIKRYLDQKCLIEKHEGGLEEFSKGYLKFGINTVDGATIYREWAPAAQEAQ
LIGEFNNWNGAKHKMEKDKFGIWSIKISHVNGKPAIPHNSKVKFRFRHGGGAWVDRIPAWIRYATFDASKFGAPYDGVHW
DPPACERYVFKHPRPPKPDAPRIYEAHVGMSGEEPEVSTYREFADNVLPRIRANNYNTVQLMAIMEHSYYASFGYHVTNF
FAVSSRSGTPEDLKYLVDKAHSLGLRVLMDVVHSHASNNVTDGLNGYDVGQNTHESYFHTGDRGYHKLWDSRLFNYANWE
VLRFLLSNLRYWMDEFMFDGFRFDGVTSMLYHHHGINKGFTGNYKEYFSLDTDVDAIVYMMLANHLMHKLLPEATIVAED
VSGMPVLCRPVDEGGVGFDFRLAMAIPDRWIDYLKNKEDRKWSMSEIVQTLTNRRYTEKCIAYAESHDQSIVGDKTIAFL
LMDKEMYTGMSDLQPASPTINRGIALQKMIHFITMALGGDGYLNFMGNEFGHPEWIDFPREGNNWSYDKCRRQWSLVDTD
HLRYKYMNAFDQAMNALEEEFSFLSSSKQIVSDMNEKDKVIVFERGDLVFVFNFHPNKTYKGYKVGCDLPGKYRVALDSD
ALVFGGHGRVGHDVDHFTSPEGMPGVPETNFNNRPNSFKVLSPPRTCVAYYRVDEDREELRR
;
_entity_poly.pdbx_strand_id   A
#
loop_
_chem_comp.id
_chem_comp.type
_chem_comp.name
_chem_comp.formula
GOL non-polymer GLYCEROL 'C3 H8 O3'
PO4 non-polymer 'PHOSPHATE ION' 'O4 P -3'
#
# COMPACT_ATOMS: atom_id res chain seq x y z
N GLU A 6 3.28 -22.09 28.07
CA GLU A 6 4.58 -22.62 28.57
C GLU A 6 5.75 -22.14 27.70
N GLU A 7 5.67 -22.39 26.39
CA GLU A 7 6.71 -21.99 25.44
C GLU A 7 6.72 -20.48 25.22
N VAL A 8 5.68 -19.80 25.73
CA VAL A 8 5.55 -18.35 25.66
C VAL A 8 6.48 -17.63 26.67
N ASP A 9 7.24 -18.41 27.42
CA ASP A 9 8.24 -17.88 28.35
C ASP A 9 9.43 -17.28 27.59
N HIS A 10 9.93 -18.01 26.59
CA HIS A 10 10.98 -17.48 25.73
C HIS A 10 10.58 -17.45 24.27
N LEU A 11 10.07 -16.29 23.85
CA LEU A 11 9.72 -16.08 22.45
C LEU A 11 11.00 -15.84 21.65
N PRO A 12 11.08 -16.41 20.42
CA PRO A 12 12.23 -16.17 19.54
C PRO A 12 12.60 -14.69 19.37
N ILE A 13 11.62 -13.79 19.42
CA ILE A 13 11.89 -12.35 19.29
C ILE A 13 12.87 -11.80 20.34
N TYR A 14 12.90 -12.44 21.50
CA TYR A 14 13.82 -12.05 22.58
C TYR A 14 15.29 -12.25 22.20
N ASP A 15 15.57 -13.30 21.42
CA ASP A 15 16.93 -13.60 20.97
C ASP A 15 17.37 -12.61 19.89
N LEU A 16 16.38 -12.07 19.20
CA LEU A 16 16.59 -11.15 18.09
C LEU A 16 16.87 -9.74 18.57
N ASP A 17 16.18 -9.37 19.65
CA ASP A 17 16.31 -8.05 20.26
C ASP A 17 16.23 -8.22 21.78
N PRO A 18 17.37 -8.10 22.47
CA PRO A 18 17.46 -8.31 23.92
C PRO A 18 16.67 -7.31 24.76
N LYS A 19 16.49 -6.10 24.22
CA LYS A 19 15.71 -5.05 24.91
C LYS A 19 14.25 -5.44 25.15
N LEU A 20 13.73 -6.37 24.35
CA LEU A 20 12.32 -6.75 24.42
C LEU A 20 11.93 -7.47 25.71
N GLU A 21 12.87 -8.23 26.27
CA GLU A 21 12.64 -9.02 27.47
C GLU A 21 12.21 -8.18 28.68
N GLU A 22 12.56 -6.90 28.66
CA GLU A 22 12.14 -5.96 29.69
C GLU A 22 10.61 -5.86 29.75
N PHE A 23 9.97 -6.08 28.61
CA PHE A 23 8.52 -5.97 28.49
C PHE A 23 7.86 -7.34 28.37
N LYS A 24 8.44 -8.31 29.08
CA LYS A 24 7.94 -9.67 29.15
C LYS A 24 6.48 -9.72 29.57
N ASP A 25 6.11 -8.92 30.57
CA ASP A 25 4.74 -8.82 31.06
C ASP A 25 3.75 -8.45 29.95
N HIS A 26 4.11 -7.48 29.13
CA HIS A 26 3.24 -7.08 28.02
C HIS A 26 3.11 -8.20 26.99
N PHE A 27 4.24 -8.81 26.63
CA PHE A 27 4.26 -9.86 25.61
C PHE A 27 3.57 -11.12 26.11
N ASN A 28 3.75 -11.43 27.40
CA ASN A 28 2.99 -12.49 28.07
C ASN A 28 1.50 -12.33 27.83
N TYR A 29 1.00 -11.13 28.12
CA TYR A 29 -0.41 -10.77 27.97
C TYR A 29 -0.86 -10.83 26.52
N ARG A 30 -0.02 -10.31 25.63
CA ARG A 30 -0.32 -10.24 24.20
C ARG A 30 -0.40 -11.61 23.55
N ILE A 31 0.65 -12.42 23.73
CA ILE A 31 0.74 -13.74 23.11
C ILE A 31 -0.34 -14.69 23.67
N LYS A 32 -0.60 -14.62 24.97
CA LYS A 32 -1.67 -15.43 25.56
C LYS A 32 -3.05 -15.03 25.02
N ARG A 33 -3.27 -13.73 24.84
CA ARG A 33 -4.50 -13.23 24.20
C ARG A 33 -4.65 -13.78 22.78
N TYR A 34 -3.55 -13.77 22.01
CA TYR A 34 -3.52 -14.38 20.68
C TYR A 34 -3.83 -15.88 20.74
N LEU A 35 -3.09 -16.61 21.57
CA LEU A 35 -3.31 -18.05 21.72
C LEU A 35 -4.75 -18.38 22.14
N ASP A 36 -5.26 -17.67 23.13
CA ASP A 36 -6.64 -17.87 23.59
C ASP A 36 -7.64 -17.66 22.45
N GLN A 37 -7.49 -16.54 21.73
CA GLN A 37 -8.41 -16.20 20.65
C GLN A 37 -8.37 -17.24 19.52
N LYS A 38 -7.15 -17.67 19.17
CA LYS A 38 -6.96 -18.71 18.17
C LYS A 38 -7.58 -20.04 18.60
N CYS A 39 -7.46 -20.36 19.89
CA CYS A 39 -8.07 -21.57 20.45
CA CYS A 39 -8.08 -21.57 20.45
C CYS A 39 -9.60 -21.51 20.38
N LEU A 40 -10.16 -20.34 20.71
CA LEU A 40 -11.61 -20.15 20.62
C LEU A 40 -12.12 -20.36 19.20
N ILE A 41 -11.42 -19.78 18.23
CA ILE A 41 -11.74 -19.94 16.81
C ILE A 41 -11.66 -21.42 16.37
N GLU A 42 -10.61 -22.12 16.80
CA GLU A 42 -10.48 -23.55 16.50
C GLU A 42 -11.58 -24.39 17.15
N LYS A 43 -11.91 -24.07 18.40
CA LYS A 43 -12.94 -24.80 19.15
C LYS A 43 -14.34 -24.62 18.55
N HIS A 44 -14.72 -23.37 18.28
CA HIS A 44 -16.08 -23.03 17.89
C HIS A 44 -16.33 -22.93 16.39
N GLU A 45 -15.27 -22.71 15.60
CA GLU A 45 -15.45 -22.40 14.18
C GLU A 45 -14.58 -23.23 13.24
N GLY A 46 -13.92 -24.25 13.77
CA GLY A 46 -13.13 -25.18 12.98
C GLY A 46 -11.84 -24.62 12.42
N GLY A 47 -11.30 -23.59 13.08
CA GLY A 47 -10.01 -23.01 12.70
C GLY A 47 -10.11 -21.76 11.85
N LEU A 48 -8.97 -21.07 11.71
CA LEU A 48 -8.91 -19.80 10.98
C LEU A 48 -9.31 -19.92 9.52
N GLU A 49 -8.82 -20.97 8.86
CA GLU A 49 -9.13 -21.21 7.45
C GLU A 49 -10.64 -21.36 7.21
N GLU A 50 -11.30 -22.10 8.09
CA GLU A 50 -12.75 -22.28 8.03
C GLU A 50 -13.52 -21.01 8.41
N PHE A 51 -13.09 -20.38 9.50
CA PHE A 51 -13.70 -19.14 10.02
C PHE A 51 -13.69 -18.01 8.98
N SER A 52 -12.61 -17.94 8.20
CA SER A 52 -12.45 -16.91 7.17
C SER A 52 -13.24 -17.18 5.86
N LYS A 53 -14.02 -18.26 5.84
CA LYS A 53 -14.94 -18.51 4.71
C LYS A 53 -16.33 -17.90 4.98
N GLY A 54 -16.35 -16.84 5.78
CA GLY A 54 -17.60 -16.20 6.19
C GLY A 54 -18.49 -15.71 5.07
N TYR A 55 -17.87 -15.32 3.95
CA TYR A 55 -18.63 -14.76 2.82
C TYR A 55 -19.44 -15.81 2.06
N LEU A 56 -19.24 -17.09 2.38
CA LEU A 56 -20.08 -18.16 1.87
C LEU A 56 -21.29 -18.39 2.78
N LYS A 57 -21.28 -17.74 3.94
CA LYS A 57 -22.34 -17.87 4.94
CA LYS A 57 -22.34 -17.88 4.93
C LYS A 57 -23.14 -16.58 5.08
N PHE A 58 -22.45 -15.45 5.03
CA PHE A 58 -23.07 -14.14 5.19
C PHE A 58 -23.23 -13.46 3.83
N GLY A 59 -24.16 -12.50 3.77
CA GLY A 59 -24.57 -11.93 2.49
C GLY A 59 -25.48 -12.91 1.76
N ILE A 60 -25.54 -12.79 0.44
CA ILE A 60 -26.44 -13.62 -0.37
C ILE A 60 -25.65 -14.73 -1.04
N ASN A 61 -26.06 -15.98 -0.79
CA ASN A 61 -25.41 -17.15 -1.37
C ASN A 61 -26.38 -18.20 -1.87
N THR A 62 -26.12 -18.70 -3.07
CA THR A 62 -26.90 -19.79 -3.67
C THR A 62 -26.53 -21.12 -3.02
N VAL A 63 -27.55 -21.85 -2.57
CA VAL A 63 -27.41 -23.24 -2.15
C VAL A 63 -28.31 -24.12 -3.02
N ASP A 64 -28.38 -25.41 -2.73
CA ASP A 64 -29.18 -26.34 -3.53
C ASP A 64 -30.66 -25.97 -3.51
N GLY A 65 -31.17 -25.58 -4.68
CA GLY A 65 -32.58 -25.23 -4.85
C GLY A 65 -33.05 -23.97 -4.15
N ALA A 66 -32.13 -23.24 -3.51
CA ALA A 66 -32.49 -22.10 -2.67
C ALA A 66 -31.41 -21.02 -2.60
N THR A 67 -31.82 -19.83 -2.20
CA THR A 67 -30.90 -18.73 -1.95
C THR A 67 -30.94 -18.38 -0.48
N ILE A 68 -29.78 -18.33 0.15
CA ILE A 68 -29.70 -17.99 1.57
C ILE A 68 -29.10 -16.60 1.73
N TYR A 69 -29.75 -15.78 2.54
CA TYR A 69 -29.21 -14.48 2.92
C TYR A 69 -29.09 -14.39 4.45
N ARG A 70 -27.90 -14.03 4.91
CA ARG A 70 -27.63 -13.83 6.35
C ARG A 70 -27.01 -12.47 6.64
N GLU A 71 -27.43 -11.88 7.76
CA GLU A 71 -26.95 -10.57 8.19
C GLU A 71 -26.93 -10.51 9.71
N TRP A 72 -25.78 -10.13 10.26
CA TRP A 72 -25.63 -9.97 11.70
C TRP A 72 -26.12 -8.58 12.12
N ALA A 73 -27.21 -8.55 12.89
CA ALA A 73 -27.80 -7.30 13.38
C ALA A 73 -28.58 -7.53 14.68
N PRO A 74 -27.86 -7.82 15.80
CA PRO A 74 -28.47 -8.16 17.09
C PRO A 74 -29.37 -7.06 17.68
N ALA A 75 -29.14 -5.81 17.28
CA ALA A 75 -29.91 -4.68 17.80
C ALA A 75 -31.32 -4.58 17.20
N ALA A 76 -31.56 -5.25 16.09
CA ALA A 76 -32.87 -5.25 15.43
C ALA A 76 -33.82 -6.27 16.03
N GLN A 77 -35.13 -5.93 16.03
CA GLN A 77 -36.18 -6.85 16.50
C GLN A 77 -36.93 -7.48 15.35
N GLU A 78 -36.96 -6.77 14.22
CA GLU A 78 -37.55 -7.26 12.98
C GLU A 78 -36.60 -6.98 11.84
N ALA A 79 -36.57 -7.86 10.85
CA ALA A 79 -35.73 -7.68 9.68
C ALA A 79 -36.31 -8.39 8.47
N GLN A 80 -36.11 -7.78 7.30
CA GLN A 80 -36.56 -8.33 6.03
C GLN A 80 -35.53 -8.05 4.95
N LEU A 81 -35.56 -8.85 3.89
CA LEU A 81 -34.78 -8.56 2.69
C LEU A 81 -35.67 -7.89 1.66
N ILE A 82 -35.27 -6.70 1.21
CA ILE A 82 -36.00 -5.94 0.19
C ILE A 82 -35.12 -5.73 -1.04
N GLY A 83 -35.76 -5.51 -2.19
CA GLY A 83 -35.02 -5.27 -3.42
C GLY A 83 -35.95 -5.14 -4.60
N GLU A 84 -35.35 -4.92 -5.78
CA GLU A 84 -36.12 -4.93 -7.03
C GLU A 84 -36.89 -6.24 -7.20
N PHE A 85 -36.32 -7.33 -6.68
CA PHE A 85 -36.93 -8.66 -6.80
C PHE A 85 -38.29 -8.80 -6.10
N ASN A 86 -38.52 -8.03 -5.04
CA ASN A 86 -39.83 -8.02 -4.36
C ASN A 86 -40.48 -6.63 -4.33
N ASN A 87 -40.22 -5.85 -5.37
CA ASN A 87 -40.72 -4.46 -5.50
C ASN A 87 -40.53 -3.62 -4.23
N TRP A 88 -39.39 -3.83 -3.56
CA TRP A 88 -38.99 -3.12 -2.35
C TRP A 88 -39.98 -3.29 -1.18
N ASN A 89 -40.68 -4.42 -1.18
CA ASN A 89 -41.60 -4.80 -0.11
C ASN A 89 -41.18 -6.16 0.44
N GLY A 90 -40.73 -6.18 1.69
CA GLY A 90 -40.14 -7.39 2.28
C GLY A 90 -41.07 -8.24 3.13
N ALA A 91 -42.37 -8.00 3.01
CA ALA A 91 -43.39 -8.68 3.81
C ALA A 91 -43.40 -10.20 3.66
N LYS A 92 -43.05 -10.68 2.46
CA LYS A 92 -42.96 -12.10 2.17
C LYS A 92 -41.52 -12.61 2.25
N HIS A 93 -40.60 -11.73 2.64
CA HIS A 93 -39.21 -12.10 2.78
C HIS A 93 -38.68 -11.67 4.15
N LYS A 94 -39.45 -12.05 5.18
CA LYS A 94 -39.10 -11.81 6.57
C LYS A 94 -37.96 -12.73 7.00
N MET A 95 -37.07 -12.19 7.81
CA MET A 95 -35.92 -12.93 8.30
C MET A 95 -36.14 -13.35 9.74
N GLU A 96 -35.49 -14.43 10.14
CA GLU A 96 -35.52 -14.92 11.52
C GLU A 96 -34.16 -14.71 12.19
N LYS A 97 -34.21 -14.41 13.48
CA LYS A 97 -33.03 -14.06 14.27
C LYS A 97 -32.65 -15.21 15.19
N ASP A 98 -31.42 -15.72 15.04
CA ASP A 98 -30.92 -16.77 15.94
C ASP A 98 -30.43 -16.16 17.26
N LYS A 99 -29.98 -17.01 18.19
CA LYS A 99 -29.59 -16.55 19.52
C LYS A 99 -28.32 -15.69 19.53
N PHE A 100 -27.56 -15.73 18.43
CA PHE A 100 -26.35 -14.93 18.32
CA PHE A 100 -26.33 -14.95 18.29
C PHE A 100 -26.60 -13.59 17.63
N GLY A 101 -27.86 -13.33 17.30
CA GLY A 101 -28.24 -12.06 16.65
C GLY A 101 -28.03 -12.04 15.15
N ILE A 102 -27.83 -13.22 14.57
CA ILE A 102 -27.67 -13.40 13.13
C ILE A 102 -29.06 -13.61 12.51
N TRP A 103 -29.40 -12.78 11.52
CA TRP A 103 -30.65 -12.91 10.80
C TRP A 103 -30.46 -13.78 9.57
N SER A 104 -31.42 -14.67 9.31
CA SER A 104 -31.35 -15.54 8.13
C SER A 104 -32.67 -15.65 7.38
N ILE A 105 -32.56 -15.94 6.09
CA ILE A 105 -33.71 -16.32 5.26
C ILE A 105 -33.26 -17.28 4.16
N LYS A 106 -34.10 -18.26 3.90
CA LYS A 106 -33.89 -19.20 2.80
C LYS A 106 -35.01 -18.98 1.80
N ILE A 107 -34.63 -18.67 0.55
CA ILE A 107 -35.60 -18.38 -0.50
C ILE A 107 -35.51 -19.44 -1.59
N SER A 108 -36.60 -20.21 -1.74
CA SER A 108 -36.67 -21.27 -2.75
C SER A 108 -36.47 -20.71 -4.16
N HIS A 109 -35.81 -21.49 -5.01
CA HIS A 109 -35.74 -21.17 -6.44
C HIS A 109 -37.14 -21.26 -7.05
N VAL A 110 -37.36 -20.54 -8.15
CA VAL A 110 -38.58 -20.67 -8.93
C VAL A 110 -38.25 -21.22 -10.31
N ASN A 111 -38.64 -22.48 -10.54
CA ASN A 111 -38.28 -23.23 -11.75
C ASN A 111 -36.77 -23.41 -11.92
N GLY A 112 -36.08 -23.63 -10.80
CA GLY A 112 -34.61 -23.81 -10.81
C GLY A 112 -33.83 -22.53 -11.03
N LYS A 113 -34.53 -21.40 -10.99
CA LYS A 113 -33.91 -20.10 -11.15
C LYS A 113 -33.87 -19.37 -9.80
N PRO A 114 -32.71 -18.78 -9.44
CA PRO A 114 -32.55 -18.02 -8.20
C PRO A 114 -33.56 -16.86 -8.10
N ALA A 115 -34.09 -16.65 -6.89
CA ALA A 115 -35.13 -15.65 -6.68
C ALA A 115 -34.66 -14.20 -6.83
N ILE A 116 -33.35 -13.99 -6.63
CA ILE A 116 -32.77 -12.65 -6.77
C ILE A 116 -31.91 -12.60 -8.03
N PRO A 117 -32.37 -11.86 -9.05
CA PRO A 117 -31.62 -11.79 -10.30
C PRO A 117 -30.26 -11.16 -10.11
N HIS A 118 -29.25 -11.68 -10.81
CA HIS A 118 -27.94 -11.06 -10.86
C HIS A 118 -28.06 -9.61 -11.30
N ASN A 119 -27.20 -8.74 -10.74
CA ASN A 119 -27.17 -7.32 -11.09
C ASN A 119 -28.48 -6.60 -10.78
N SER A 120 -29.09 -6.95 -9.65
CA SER A 120 -30.30 -6.29 -9.18
C SER A 120 -30.07 -5.77 -7.76
N LYS A 121 -30.80 -4.72 -7.41
CA LYS A 121 -30.55 -3.98 -6.17
C LYS A 121 -31.29 -4.57 -4.97
N VAL A 122 -30.62 -4.55 -3.83
CA VAL A 122 -31.14 -5.12 -2.59
C VAL A 122 -30.77 -4.25 -1.39
N LYS A 123 -31.54 -4.37 -0.32
CA LYS A 123 -31.25 -3.72 0.97
C LYS A 123 -31.69 -4.59 2.14
N PHE A 124 -30.98 -4.45 3.26
CA PHE A 124 -31.38 -5.03 4.54
C PHE A 124 -32.30 -4.03 5.23
N ARG A 125 -33.54 -4.46 5.46
CA ARG A 125 -34.57 -3.64 6.07
C ARG A 125 -34.80 -4.10 7.51
N PHE A 126 -34.63 -3.20 8.46
CA PHE A 126 -34.80 -3.58 9.86
C PHE A 126 -35.48 -2.51 10.68
N ARG A 127 -36.05 -2.93 11.80
CA ARG A 127 -36.66 -2.02 12.76
C ARG A 127 -35.99 -2.21 14.11
N HIS A 128 -35.76 -1.07 14.78
CA HIS A 128 -35.13 -1.03 16.09
C HIS A 128 -35.93 -0.10 17.00
N GLY A 129 -36.25 -0.57 18.21
CA GLY A 129 -36.96 0.24 19.20
C GLY A 129 -38.37 0.66 18.81
N GLY A 130 -38.96 -0.06 17.86
CA GLY A 130 -40.33 0.18 17.42
C GLY A 130 -40.50 1.38 16.48
N GLY A 131 -39.40 1.83 15.89
CA GLY A 131 -39.42 2.99 14.99
C GLY A 131 -39.80 2.64 13.56
N ALA A 132 -39.48 3.54 12.65
CA ALA A 132 -39.66 3.30 11.22
C ALA A 132 -38.64 2.29 10.69
N TRP A 133 -38.96 1.67 9.56
CA TRP A 133 -37.99 0.82 8.87
C TRP A 133 -36.69 1.58 8.62
N VAL A 134 -35.56 0.91 8.86
CA VAL A 134 -34.24 1.44 8.52
C VAL A 134 -33.66 0.54 7.42
N ASP A 135 -33.31 1.14 6.28
CA ASP A 135 -32.84 0.37 5.12
C ASP A 135 -31.36 0.57 4.84
N ARG A 136 -30.59 -0.51 4.90
CA ARG A 136 -29.14 -0.42 4.74
C ARG A 136 -28.64 -1.38 3.65
N ILE A 137 -27.43 -1.11 3.17
CA ILE A 137 -26.76 -2.02 2.25
C ILE A 137 -26.20 -3.17 3.08
N PRO A 138 -26.47 -4.43 2.66
CA PRO A 138 -25.90 -5.56 3.39
C PRO A 138 -24.38 -5.40 3.57
N ALA A 139 -23.90 -5.74 4.76
CA ALA A 139 -22.48 -5.57 5.11
C ALA A 139 -21.54 -6.39 4.23
N TRP A 140 -22.04 -7.50 3.72
CA TRP A 140 -21.22 -8.42 2.92
C TRP A 140 -21.48 -8.29 1.43
N ILE A 141 -22.10 -7.18 1.01
CA ILE A 141 -22.42 -6.97 -0.40
C ILE A 141 -21.13 -6.89 -1.23
N ARG A 142 -21.17 -7.43 -2.45
CA ARG A 142 -19.96 -7.56 -3.27
C ARG A 142 -19.88 -6.52 -4.38
N TYR A 143 -20.91 -5.69 -4.46
CA TYR A 143 -21.00 -4.61 -5.44
C TYR A 143 -22.05 -3.60 -4.99
N ALA A 144 -21.73 -2.33 -5.16
CA ALA A 144 -22.64 -1.24 -4.81
C ALA A 144 -22.49 -0.09 -5.78
N THR A 145 -23.59 0.30 -6.41
CA THR A 145 -23.58 1.31 -7.45
C THR A 145 -24.26 2.62 -7.02
N PHE A 146 -24.03 3.68 -7.79
CA PHE A 146 -24.65 4.96 -7.52
C PHE A 146 -25.16 5.60 -8.81
N ASP A 147 -26.27 6.33 -8.68
CA ASP A 147 -26.85 7.07 -9.80
C ASP A 147 -26.43 8.53 -9.69
N ALA A 148 -25.76 9.03 -10.72
CA ALA A 148 -25.24 10.40 -10.74
C ALA A 148 -26.34 11.47 -10.85
N SER A 149 -27.48 11.23 -10.20
CA SER A 149 -28.61 12.16 -10.18
C SER A 149 -29.18 12.31 -8.77
N LYS A 150 -28.96 13.49 -8.18
CA LYS A 150 -29.33 13.83 -6.79
C LYS A 150 -28.61 12.97 -5.73
N PHE A 151 -28.25 13.60 -4.62
CA PHE A 151 -27.42 13.01 -3.56
C PHE A 151 -25.99 12.77 -4.06
N GLY A 152 -25.81 11.71 -4.84
CA GLY A 152 -24.50 11.32 -5.32
C GLY A 152 -24.51 10.31 -6.46
N ALA A 153 -24.91 9.05 -6.24
CA ALA A 153 -25.41 8.53 -4.94
C ALA A 153 -26.90 8.87 -4.69
N PRO A 154 -27.51 8.32 -3.61
CA PRO A 154 -26.92 7.41 -2.64
C PRO A 154 -26.66 6.06 -3.28
N TYR A 155 -25.99 5.18 -2.54
CA TYR A 155 -25.59 3.90 -3.08
C TYR A 155 -26.69 2.86 -2.95
N ASP A 156 -26.69 1.92 -3.90
CA ASP A 156 -27.57 0.76 -3.87
CA ASP A 156 -27.56 0.77 -3.88
C ASP A 156 -26.72 -0.51 -3.78
N GLY A 157 -27.08 -1.38 -2.84
CA GLY A 157 -26.42 -2.68 -2.76
C GLY A 157 -26.86 -3.49 -3.96
N VAL A 158 -25.92 -4.19 -4.58
CA VAL A 158 -26.23 -4.94 -5.80
C VAL A 158 -25.81 -6.40 -5.63
N HIS A 159 -26.76 -7.30 -5.86
CA HIS A 159 -26.49 -8.72 -5.83
C HIS A 159 -25.63 -9.06 -7.04
N TRP A 160 -24.39 -9.46 -6.79
CA TRP A 160 -23.47 -9.76 -7.88
C TRP A 160 -23.21 -11.25 -7.99
N ASP A 161 -23.84 -11.87 -8.99
CA ASP A 161 -23.72 -13.30 -9.24
C ASP A 161 -23.86 -13.57 -10.74
N PRO A 162 -22.88 -13.10 -11.55
CA PRO A 162 -23.04 -13.15 -13.00
C PRO A 162 -23.15 -14.57 -13.55
N PRO A 163 -23.97 -14.78 -14.58
CA PRO A 163 -24.03 -16.10 -15.22
C PRO A 163 -22.70 -16.41 -15.92
N ALA A 164 -22.48 -17.69 -16.23
CA ALA A 164 -21.18 -18.18 -16.72
C ALA A 164 -20.50 -17.30 -17.77
N CYS A 165 -21.24 -16.90 -18.81
CA CYS A 165 -20.67 -16.14 -19.92
CA CYS A 165 -20.69 -16.13 -19.92
C CYS A 165 -20.39 -14.67 -19.58
N GLU A 166 -20.71 -14.27 -18.36
CA GLU A 166 -20.49 -12.89 -17.91
C GLU A 166 -19.48 -12.81 -16.76
N ARG A 167 -18.96 -13.96 -16.36
CA ARG A 167 -17.91 -14.07 -15.36
C ARG A 167 -16.54 -13.94 -16.01
N TYR A 168 -15.61 -13.24 -15.36
CA TYR A 168 -14.22 -13.31 -15.79
C TYR A 168 -13.52 -14.52 -15.17
N VAL A 169 -12.86 -15.30 -16.01
CA VAL A 169 -12.15 -16.50 -15.60
C VAL A 169 -10.64 -16.23 -15.66
N PHE A 170 -9.96 -16.40 -14.52
CA PHE A 170 -8.51 -16.21 -14.48
C PHE A 170 -7.80 -17.24 -15.36
N LYS A 171 -6.88 -16.75 -16.18
CA LYS A 171 -6.16 -17.58 -17.14
C LYS A 171 -4.72 -17.84 -16.71
N HIS A 172 -4.18 -16.94 -15.91
CA HIS A 172 -2.75 -16.94 -15.61
C HIS A 172 -2.45 -17.24 -14.13
N PRO A 173 -1.33 -17.91 -13.86
CA PRO A 173 -0.94 -18.20 -12.48
C PRO A 173 -0.38 -16.96 -11.79
N ARG A 174 -0.39 -16.99 -10.45
CA ARG A 174 0.34 -16.00 -9.68
C ARG A 174 1.83 -16.16 -9.99
N PRO A 175 2.54 -15.05 -10.25
CA PRO A 175 3.98 -15.14 -10.47
C PRO A 175 4.67 -15.45 -9.14
N PRO A 176 5.96 -15.85 -9.18
CA PRO A 176 6.65 -16.13 -7.92
C PRO A 176 6.98 -14.84 -7.16
N LYS A 177 7.23 -14.99 -5.86
CA LYS A 177 7.67 -13.87 -5.04
C LYS A 177 9.06 -13.41 -5.50
N PRO A 178 9.20 -12.12 -5.83
CA PRO A 178 10.51 -11.62 -6.24
C PRO A 178 11.48 -11.61 -5.05
N ASP A 179 12.78 -11.51 -5.33
CA ASP A 179 13.77 -11.39 -4.27
C ASP A 179 13.60 -10.10 -3.48
N ALA A 180 13.16 -9.05 -4.17
CA ALA A 180 12.81 -7.78 -3.53
C ALA A 180 11.61 -7.15 -4.22
N PRO A 181 10.66 -6.59 -3.44
CA PRO A 181 9.52 -5.98 -4.11
C PRO A 181 9.90 -4.61 -4.68
N ARG A 182 9.70 -4.44 -5.99
CA ARG A 182 9.84 -3.12 -6.60
C ARG A 182 8.43 -2.70 -7.00
N ILE A 183 7.86 -1.79 -6.20
CA ILE A 183 6.41 -1.54 -6.17
C ILE A 183 5.98 -0.28 -6.89
N TYR A 184 5.03 -0.44 -7.82
CA TYR A 184 4.43 0.68 -8.51
C TYR A 184 3.05 0.88 -7.90
N GLU A 185 2.92 1.94 -7.11
CA GLU A 185 1.69 2.27 -6.41
C GLU A 185 0.77 3.06 -7.32
N ALA A 186 -0.50 2.64 -7.38
CA ALA A 186 -1.43 3.19 -8.36
C ALA A 186 -2.86 3.30 -7.85
N HIS A 187 -3.59 4.23 -8.45
CA HIS A 187 -4.99 4.46 -8.17
C HIS A 187 -5.69 4.47 -9.54
N VAL A 188 -6.64 3.55 -9.74
CA VAL A 188 -7.25 3.34 -11.05
C VAL A 188 -8.00 4.59 -11.57
N GLY A 189 -8.89 5.12 -10.72
CA GLY A 189 -9.68 6.30 -11.07
C GLY A 189 -8.89 7.44 -11.70
N MET A 190 -7.76 7.80 -11.08
CA MET A 190 -6.95 8.92 -11.54
C MET A 190 -5.79 8.51 -12.47
N SER A 191 -5.85 7.31 -13.03
CA SER A 191 -4.75 6.79 -13.84
C SER A 191 -4.81 7.15 -15.34
N GLY A 192 -5.92 7.75 -15.75
CA GLY A 192 -6.08 8.12 -17.16
C GLY A 192 -5.64 9.55 -17.40
N GLU A 193 -5.36 9.88 -18.65
CA GLU A 193 -5.04 11.24 -19.08
C GLU A 193 -6.23 12.19 -18.89
N GLU A 194 -7.43 11.70 -19.19
CA GLU A 194 -8.64 12.54 -19.17
C GLU A 194 -9.04 12.94 -17.75
N PRO A 195 -9.60 14.16 -17.58
CA PRO A 195 -10.11 14.59 -16.28
C PRO A 195 -11.42 13.90 -15.91
N GLU A 196 -11.33 12.60 -15.64
CA GLU A 196 -12.49 11.76 -15.38
C GLU A 196 -12.05 10.58 -14.50
N VAL A 197 -13.02 9.78 -14.06
CA VAL A 197 -12.71 8.54 -13.37
C VAL A 197 -12.39 7.49 -14.42
N SER A 198 -11.14 7.05 -14.46
CA SER A 198 -10.74 6.02 -15.40
C SER A 198 -11.16 4.64 -14.90
N THR A 199 -11.10 3.65 -15.79
CA THR A 199 -11.67 2.34 -15.50
C THR A 199 -10.60 1.26 -15.28
N TYR A 200 -11.00 0.15 -14.65
CA TYR A 200 -10.09 -0.97 -14.40
C TYR A 200 -9.47 -1.50 -15.70
N ARG A 201 -10.30 -1.62 -16.74
CA ARG A 201 -9.84 -2.16 -18.03
C ARG A 201 -8.90 -1.19 -18.74
N GLU A 202 -9.18 0.11 -18.65
CA GLU A 202 -8.27 1.12 -19.19
C GLU A 202 -6.91 1.08 -18.50
N PHE A 203 -6.92 0.95 -17.17
CA PHE A 203 -5.69 0.81 -16.39
C PHE A 203 -4.92 -0.46 -16.80
N ALA A 204 -5.62 -1.58 -16.89
CA ALA A 204 -5.01 -2.84 -17.26
C ALA A 204 -4.33 -2.75 -18.64
N ASP A 205 -5.03 -2.15 -19.59
CA ASP A 205 -4.59 -2.12 -20.97
C ASP A 205 -3.54 -1.06 -21.26
N ASN A 206 -3.60 0.05 -20.53
CA ASN A 206 -2.74 1.20 -20.84
C ASN A 206 -1.60 1.41 -19.84
N VAL A 207 -1.88 1.18 -18.55
CA VAL A 207 -0.90 1.52 -17.52
C VAL A 207 -0.02 0.33 -17.12
N LEU A 208 -0.62 -0.85 -17.01
CA LEU A 208 0.14 -2.07 -16.67
C LEU A 208 1.38 -2.30 -17.56
N PRO A 209 1.25 -2.18 -18.90
CA PRO A 209 2.46 -2.32 -19.73
C PRO A 209 3.59 -1.35 -19.38
N ARG A 210 3.26 -0.11 -19.01
CA ARG A 210 4.27 0.88 -18.64
C ARG A 210 4.99 0.46 -17.37
N ILE A 211 4.22 -0.10 -16.43
CA ILE A 211 4.74 -0.55 -15.15
C ILE A 211 5.78 -1.65 -15.40
N ARG A 212 5.43 -2.61 -16.26
CA ARG A 212 6.33 -3.68 -16.67
C ARG A 212 7.55 -3.13 -17.42
N ALA A 213 7.32 -2.19 -18.34
CA ALA A 213 8.40 -1.60 -19.14
C ALA A 213 9.45 -0.89 -18.25
N ASN A 214 9.00 -0.31 -17.14
CA ASN A 214 9.90 0.35 -16.19
C ASN A 214 10.56 -0.62 -15.20
N ASN A 215 10.30 -1.92 -15.37
CA ASN A 215 10.95 -2.98 -14.59
C ASN A 215 10.53 -3.05 -13.12
N TYR A 216 9.31 -2.60 -12.83
CA TYR A 216 8.68 -2.88 -11.54
C TYR A 216 8.24 -4.34 -11.55
N ASN A 217 8.17 -4.96 -10.39
CA ASN A 217 7.73 -6.36 -10.32
C ASN A 217 6.42 -6.52 -9.55
N THR A 218 5.96 -5.43 -8.95
CA THR A 218 4.77 -5.43 -8.10
C THR A 218 3.92 -4.17 -8.30
N VAL A 219 2.60 -4.35 -8.29
CA VAL A 219 1.66 -3.23 -8.29
C VAL A 219 0.99 -3.17 -6.91
N GLN A 220 0.99 -1.98 -6.31
CA GLN A 220 0.21 -1.72 -5.12
C GLN A 220 -1.05 -0.98 -5.57
N LEU A 221 -2.18 -1.67 -5.50
CA LEU A 221 -3.44 -1.15 -6.01
C LEU A 221 -4.23 -0.53 -4.87
N MET A 222 -4.38 0.79 -4.92
CA MET A 222 -5.14 1.52 -3.92
C MET A 222 -6.63 1.51 -4.26
N ALA A 223 -7.44 1.95 -3.29
CA ALA A 223 -8.84 2.35 -3.52
C ALA A 223 -9.73 1.31 -4.20
N ILE A 224 -9.52 0.05 -3.86
CA ILE A 224 -10.33 -1.04 -4.40
C ILE A 224 -11.61 -1.24 -3.58
N MET A 225 -11.45 -1.30 -2.25
CA MET A 225 -12.60 -1.45 -1.36
C MET A 225 -13.50 -0.23 -1.56
N GLU A 226 -14.79 -0.46 -1.71
CA GLU A 226 -15.73 0.62 -2.06
C GLU A 226 -15.71 1.75 -1.04
N HIS A 227 -15.78 2.97 -1.56
CA HIS A 227 -15.76 4.20 -0.77
C HIS A 227 -16.61 5.24 -1.50
N SER A 228 -17.62 5.78 -0.81
CA SER A 228 -18.56 6.73 -1.40
C SER A 228 -17.92 8.08 -1.69
N TYR A 229 -16.91 8.43 -0.89
CA TYR A 229 -16.24 9.71 -1.03
C TYR A 229 -14.93 9.52 -1.81
N TYR A 230 -14.99 9.84 -3.10
CA TYR A 230 -13.86 9.67 -4.01
C TYR A 230 -12.58 10.35 -3.52
N ALA A 231 -12.71 11.56 -2.97
CA ALA A 231 -11.57 12.32 -2.46
C ALA A 231 -10.86 11.70 -1.25
N SER A 232 -11.45 10.64 -0.68
CA SER A 232 -10.83 9.90 0.42
C SER A 232 -9.63 9.07 -0.03
N PHE A 233 -9.40 9.00 -1.35
CA PHE A 233 -8.28 8.24 -1.92
C PHE A 233 -8.41 6.74 -1.60
N GLY A 234 -9.64 6.30 -1.30
CA GLY A 234 -9.92 4.90 -0.95
C GLY A 234 -9.85 4.57 0.53
N TYR A 235 -9.45 5.54 1.34
CA TYR A 235 -9.17 5.29 2.76
C TYR A 235 -10.39 5.17 3.67
N HIS A 236 -11.50 5.80 3.27
CA HIS A 236 -12.74 5.75 4.06
C HIS A 236 -13.74 4.80 3.42
N VAL A 237 -13.68 3.54 3.86
CA VAL A 237 -14.39 2.44 3.23
C VAL A 237 -15.83 2.33 3.74
N THR A 238 -16.75 2.14 2.80
CA THR A 238 -18.17 1.99 3.09
C THR A 238 -18.57 0.52 2.99
N ASN A 239 -18.25 -0.10 1.85
CA ASN A 239 -18.59 -1.51 1.59
C ASN A 239 -17.33 -2.35 1.41
N PHE A 240 -16.97 -3.11 2.45
CA PHE A 240 -15.67 -3.77 2.55
C PHE A 240 -15.48 -4.93 1.59
N PHE A 241 -16.57 -5.57 1.16
CA PHE A 241 -16.51 -6.69 0.23
C PHE A 241 -16.79 -6.28 -1.22
N ALA A 242 -16.93 -4.97 -1.46
CA ALA A 242 -17.31 -4.49 -2.78
C ALA A 242 -16.17 -3.83 -3.55
N VAL A 243 -16.00 -4.22 -4.82
CA VAL A 243 -15.08 -3.56 -5.73
C VAL A 243 -15.67 -2.20 -6.10
N SER A 244 -14.89 -1.14 -5.89
CA SER A 244 -15.37 0.23 -6.16
C SER A 244 -15.93 0.34 -7.57
N SER A 245 -17.22 0.71 -7.64
CA SER A 245 -18.00 0.59 -8.87
C SER A 245 -17.74 1.69 -9.89
N ARG A 246 -17.13 2.79 -9.46
CA ARG A 246 -16.92 3.95 -10.34
C ARG A 246 -15.93 3.68 -11.47
N SER A 247 -15.12 2.63 -11.31
CA SER A 247 -14.15 2.23 -12.33
C SER A 247 -14.54 0.93 -13.04
N GLY A 248 -15.65 0.33 -12.66
CA GLY A 248 -16.13 -0.90 -13.31
C GLY A 248 -16.70 -1.91 -12.35
N THR A 249 -16.82 -3.15 -12.83
CA THR A 249 -17.40 -4.25 -12.06
C THR A 249 -16.30 -5.12 -11.45
N PRO A 250 -16.66 -6.05 -10.54
CA PRO A 250 -15.68 -6.99 -10.00
C PRO A 250 -14.99 -7.82 -11.10
N GLU A 251 -15.70 -8.09 -12.19
CA GLU A 251 -15.11 -8.84 -13.32
C GLU A 251 -14.03 -8.03 -14.04
N ASP A 252 -14.22 -6.71 -14.08
CA ASP A 252 -13.22 -5.80 -14.66
C ASP A 252 -11.95 -5.78 -13.83
N LEU A 253 -12.09 -5.87 -12.50
CA LEU A 253 -10.93 -5.96 -11.61
C LEU A 253 -10.16 -7.27 -11.77
N LYS A 254 -10.89 -8.37 -11.92
CA LYS A 254 -10.26 -9.67 -12.16
C LYS A 254 -9.46 -9.64 -13.45
N TYR A 255 -10.02 -9.02 -14.48
CA TYR A 255 -9.31 -8.81 -15.74
C TYR A 255 -7.98 -8.08 -15.50
N LEU A 256 -8.01 -7.01 -14.69
CA LEU A 256 -6.83 -6.23 -14.35
C LEU A 256 -5.77 -7.09 -13.66
N VAL A 257 -6.18 -7.81 -12.62
CA VAL A 257 -5.26 -8.69 -11.88
C VAL A 257 -4.67 -9.78 -12.77
N ASP A 258 -5.51 -10.43 -13.57
CA ASP A 258 -5.06 -11.47 -14.49
C ASP A 258 -4.05 -10.91 -15.53
N LYS A 259 -4.32 -9.70 -16.05
CA LYS A 259 -3.42 -9.05 -17.02
C LYS A 259 -2.07 -8.71 -16.39
N ALA A 260 -2.11 -8.18 -15.16
CA ALA A 260 -0.89 -7.94 -14.40
C ALA A 260 -0.10 -9.23 -14.25
N HIS A 261 -0.79 -10.32 -13.87
CA HIS A 261 -0.14 -11.62 -13.75
C HIS A 261 0.44 -12.12 -15.07
N SER A 262 -0.28 -11.88 -16.17
CA SER A 262 0.21 -12.26 -17.51
C SER A 262 1.53 -11.57 -17.87
N LEU A 263 1.78 -10.42 -17.25
CA LEU A 263 2.99 -9.64 -17.50
C LEU A 263 4.08 -9.92 -16.48
N GLY A 264 3.82 -10.86 -15.57
CA GLY A 264 4.81 -11.26 -14.56
C GLY A 264 4.85 -10.35 -13.35
N LEU A 265 3.79 -9.55 -13.16
CA LEU A 265 3.69 -8.63 -12.03
C LEU A 265 2.82 -9.19 -10.91
N ARG A 266 3.30 -9.03 -9.67
CA ARG A 266 2.52 -9.34 -8.49
C ARG A 266 1.57 -8.17 -8.24
N VAL A 267 0.42 -8.45 -7.63
CA VAL A 267 -0.53 -7.38 -7.29
C VAL A 267 -0.92 -7.45 -5.81
N LEU A 268 -0.70 -6.34 -5.10
CA LEU A 268 -1.15 -6.20 -3.73
C LEU A 268 -2.28 -5.19 -3.72
N MET A 269 -3.21 -5.35 -2.79
CA MET A 269 -4.35 -4.45 -2.63
C MET A 269 -4.22 -3.70 -1.32
N ASP A 270 -4.61 -2.43 -1.31
CA ASP A 270 -4.81 -1.71 -0.06
C ASP A 270 -5.95 -2.30 0.74
N VAL A 271 -5.62 -2.81 1.92
CA VAL A 271 -6.60 -3.27 2.90
C VAL A 271 -6.74 -2.21 3.99
N VAL A 272 -7.92 -1.62 4.09
CA VAL A 272 -8.21 -0.61 5.11
C VAL A 272 -9.07 -1.23 6.20
N HIS A 273 -8.42 -1.80 7.21
CA HIS A 273 -9.09 -2.42 8.34
C HIS A 273 -8.87 -1.60 9.59
N SER A 274 -8.35 -0.39 9.40
CA SER A 274 -7.98 0.50 10.49
C SER A 274 -9.16 1.33 10.99
N HIS A 275 -10.22 1.38 10.18
CA HIS A 275 -11.40 2.20 10.46
C HIS A 275 -12.47 1.96 9.39
N ALA A 276 -13.65 2.53 9.60
CA ALA A 276 -14.71 2.52 8.59
C ALA A 276 -15.25 3.93 8.39
N SER A 277 -15.73 4.20 7.18
CA SER A 277 -16.45 5.45 6.91
C SER A 277 -17.56 5.69 7.93
N ASN A 278 -17.81 6.95 8.27
CA ASN A 278 -18.95 7.27 9.13
C ASN A 278 -20.25 7.51 8.35
N ASN A 279 -20.22 7.20 7.05
CA ASN A 279 -21.39 7.34 6.19
C ASN A 279 -22.52 6.39 6.63
N VAL A 280 -23.61 6.98 7.09
CA VAL A 280 -24.73 6.24 7.68
C VAL A 280 -25.57 5.49 6.64
N THR A 281 -25.81 6.12 5.49
CA THR A 281 -26.70 5.51 4.49
C THR A 281 -26.05 4.39 3.68
N ASP A 282 -24.79 4.59 3.28
CA ASP A 282 -24.11 3.67 2.36
C ASP A 282 -23.23 2.62 3.03
N GLY A 283 -22.75 2.90 4.24
CA GLY A 283 -21.71 2.09 4.87
C GLY A 283 -22.11 1.33 6.12
N LEU A 284 -21.11 0.73 6.77
CA LEU A 284 -21.30 -0.04 8.00
C LEU A 284 -21.86 0.77 9.16
N ASN A 285 -21.54 2.06 9.18
CA ASN A 285 -22.00 2.93 10.25
C ASN A 285 -23.53 2.96 10.32
N GLY A 286 -24.17 2.57 9.22
CA GLY A 286 -25.62 2.46 9.17
C GLY A 286 -26.20 1.41 10.10
N TYR A 287 -25.34 0.55 10.65
CA TYR A 287 -25.75 -0.51 11.55
C TYR A 287 -25.63 -0.13 13.02
N ASP A 288 -25.06 1.04 13.30
CA ASP A 288 -25.03 1.59 14.66
C ASP A 288 -26.31 2.38 14.96
N VAL A 289 -27.13 1.83 15.83
CA VAL A 289 -28.36 2.48 16.26
C VAL A 289 -28.35 2.74 17.77
N GLY A 290 -27.15 2.85 18.33
CA GLY A 290 -26.96 3.20 19.74
C GLY A 290 -26.74 2.02 20.67
N GLN A 291 -26.64 0.82 20.11
CA GLN A 291 -26.48 -0.40 20.91
C GLN A 291 -25.09 -0.52 21.56
N ASN A 292 -24.97 -1.40 22.55
CA ASN A 292 -23.69 -1.72 23.19
C ASN A 292 -22.65 -2.15 22.16
N THR A 293 -21.37 -1.94 22.47
CA THR A 293 -20.29 -2.28 21.54
C THR A 293 -20.26 -3.78 21.17
N HIS A 294 -20.69 -4.62 22.10
CA HIS A 294 -20.73 -6.07 21.94
CA HIS A 294 -20.68 -6.06 21.88
C HIS A 294 -21.68 -6.46 20.79
N GLU A 295 -22.61 -5.56 20.49
CA GLU A 295 -23.61 -5.77 19.45
C GLU A 295 -23.38 -4.87 18.23
N SER A 296 -22.18 -4.29 18.14
CA SER A 296 -21.82 -3.38 17.06
C SER A 296 -20.51 -3.81 16.38
N TYR A 297 -20.29 -3.31 15.17
CA TYR A 297 -18.98 -3.44 14.50
C TYR A 297 -17.93 -2.62 15.23
N PHE A 298 -18.41 -1.61 15.95
CA PHE A 298 -17.54 -0.56 16.46
C PHE A 298 -17.62 -0.41 17.97
N HIS A 299 -16.56 0.16 18.54
CA HIS A 299 -16.59 0.63 19.91
C HIS A 299 -17.57 1.79 20.03
N THR A 300 -17.91 2.15 21.26
CA THR A 300 -18.76 3.29 21.55
C THR A 300 -17.93 4.36 22.26
N GLY A 301 -18.50 5.55 22.42
CA GLY A 301 -17.79 6.68 23.02
C GLY A 301 -16.56 7.06 22.22
N ASP A 302 -15.56 7.61 22.91
CA ASP A 302 -14.33 8.08 22.27
C ASP A 302 -13.58 7.00 21.52
N ARG A 303 -13.56 5.79 22.09
CA ARG A 303 -12.89 4.63 21.50
CA ARG A 303 -12.87 4.66 21.49
C ARG A 303 -13.51 4.23 20.17
N GLY A 304 -14.77 4.61 19.96
CA GLY A 304 -15.46 4.29 18.71
C GLY A 304 -15.22 5.28 17.59
N TYR A 305 -14.58 6.40 17.91
CA TYR A 305 -14.42 7.52 16.98
C TYR A 305 -12.96 7.94 16.76
N HIS A 306 -12.58 8.07 15.50
CA HIS A 306 -11.26 8.56 15.12
C HIS A 306 -11.42 10.03 14.70
N LYS A 307 -10.97 10.94 15.58
CA LYS A 307 -11.14 12.39 15.39
C LYS A 307 -10.57 12.88 14.06
N LEU A 308 -9.35 12.46 13.76
CA LEU A 308 -8.65 12.90 12.56
C LEU A 308 -9.32 12.44 11.26
N TRP A 309 -9.74 11.18 11.20
CA TRP A 309 -10.34 10.62 9.98
C TRP A 309 -11.86 10.79 9.94
N ASP A 310 -12.42 11.40 10.99
CA ASP A 310 -13.88 11.51 11.18
C ASP A 310 -14.55 10.19 10.81
N SER A 311 -14.07 9.13 11.44
CA SER A 311 -14.46 7.77 11.10
CA SER A 311 -14.47 7.78 11.10
C SER A 311 -14.75 6.93 12.34
N ARG A 312 -15.28 5.73 12.11
CA ARG A 312 -15.61 4.79 13.17
C ARG A 312 -14.50 3.76 13.34
N LEU A 313 -14.34 3.29 14.57
CA LEU A 313 -13.26 2.35 14.88
C LEU A 313 -13.81 1.01 15.35
N PHE A 314 -13.34 -0.06 14.70
CA PHE A 314 -13.77 -1.43 14.99
C PHE A 314 -13.46 -1.89 16.41
N ASN A 315 -14.36 -2.69 16.99
CA ASN A 315 -14.06 -3.51 18.16
C ASN A 315 -13.49 -4.84 17.69
N TYR A 316 -12.16 -4.95 17.70
CA TYR A 316 -11.46 -6.14 17.20
C TYR A 316 -11.62 -7.38 18.07
N ALA A 317 -12.22 -7.22 19.25
CA ALA A 317 -12.47 -8.37 20.13
C ALA A 317 -13.81 -9.06 19.84
N ASN A 318 -14.69 -8.38 19.13
CA ASN A 318 -15.99 -8.96 18.76
C ASN A 318 -15.86 -10.13 17.78
N TRP A 319 -16.54 -11.23 18.12
CA TRP A 319 -16.54 -12.45 17.30
C TRP A 319 -16.90 -12.20 15.85
N GLU A 320 -17.98 -11.46 15.63
CA GLU A 320 -18.44 -11.17 14.28
C GLU A 320 -17.55 -10.19 13.51
N VAL A 321 -16.86 -9.31 14.24
CA VAL A 321 -15.88 -8.41 13.63
C VAL A 321 -14.66 -9.20 13.14
N LEU A 322 -14.20 -10.16 13.94
CA LEU A 322 -13.14 -11.06 13.52
C LEU A 322 -13.54 -11.91 12.31
N ARG A 323 -14.77 -12.42 12.30
CA ARG A 323 -15.26 -13.17 11.14
C ARG A 323 -15.28 -12.30 9.88
N PHE A 324 -15.83 -11.10 10.02
CA PHE A 324 -15.95 -10.13 8.94
C PHE A 324 -14.59 -9.78 8.32
N LEU A 325 -13.67 -9.32 9.17
CA LEU A 325 -12.35 -8.86 8.71
C LEU A 325 -11.49 -10.00 8.18
N LEU A 326 -11.46 -11.12 8.90
CA LEU A 326 -10.67 -12.28 8.50
C LEU A 326 -11.19 -12.89 7.20
N SER A 327 -12.52 -12.96 7.06
CA SER A 327 -13.15 -13.39 5.81
C SER A 327 -12.92 -12.42 4.67
N ASN A 328 -12.85 -11.14 4.99
CA ASN A 328 -12.55 -10.12 3.99
C ASN A 328 -11.18 -10.35 3.35
N LEU A 329 -10.20 -10.73 4.17
CA LEU A 329 -8.85 -11.03 3.67
C LEU A 329 -8.87 -12.21 2.71
N ARG A 330 -9.51 -13.30 3.12
CA ARG A 330 -9.64 -14.47 2.24
C ARG A 330 -10.41 -14.12 0.97
N TYR A 331 -11.48 -13.33 1.12
CA TYR A 331 -12.28 -12.90 -0.03
C TYR A 331 -11.41 -12.28 -1.13
N TRP A 332 -10.61 -11.27 -0.77
CA TRP A 332 -9.77 -10.58 -1.74
C TRP A 332 -8.70 -11.50 -2.32
N MET A 333 -8.15 -12.35 -1.47
CA MET A 333 -7.06 -13.24 -1.86
C MET A 333 -7.54 -14.32 -2.81
N ASP A 334 -8.59 -15.04 -2.41
CA ASP A 334 -9.12 -16.18 -3.15
C ASP A 334 -9.90 -15.78 -4.40
N GLU A 335 -10.79 -14.80 -4.26
CA GLU A 335 -11.70 -14.42 -5.34
C GLU A 335 -11.03 -13.57 -6.41
N PHE A 336 -10.04 -12.76 -6.02
CA PHE A 336 -9.44 -11.78 -6.92
C PHE A 336 -7.97 -12.01 -7.21
N MET A 337 -7.44 -13.10 -6.64
CA MET A 337 -6.09 -13.60 -6.94
CA MET A 337 -6.09 -13.61 -6.92
C MET A 337 -4.95 -12.66 -6.56
N PHE A 338 -5.15 -11.85 -5.52
CA PHE A 338 -4.08 -10.97 -5.06
C PHE A 338 -2.90 -11.76 -4.48
N ASP A 339 -1.72 -11.17 -4.58
CA ASP A 339 -0.48 -11.78 -4.08
C ASP A 339 -0.14 -11.28 -2.68
N GLY A 340 -1.02 -10.46 -2.12
CA GLY A 340 -0.80 -9.86 -0.80
C GLY A 340 -1.51 -8.53 -0.70
N PHE A 341 -1.16 -7.78 0.35
CA PHE A 341 -1.90 -6.59 0.75
C PHE A 341 -0.98 -5.59 1.43
N ARG A 342 -1.41 -4.33 1.45
CA ARG A 342 -0.88 -3.38 2.41
C ARG A 342 -2.00 -3.05 3.39
N PHE A 343 -1.74 -3.25 4.67
CA PHE A 343 -2.66 -2.81 5.71
C PHE A 343 -2.38 -1.33 5.94
N ASP A 344 -3.38 -0.51 5.61
CA ASP A 344 -3.28 0.93 5.78
C ASP A 344 -3.65 1.33 7.21
N GLY A 345 -2.98 2.34 7.73
CA GLY A 345 -3.33 2.90 9.04
C GLY A 345 -2.99 1.99 10.20
N VAL A 346 -1.91 1.20 10.06
CA VAL A 346 -1.46 0.31 11.14
C VAL A 346 -1.09 1.08 12.41
N THR A 347 -0.44 2.22 12.26
CA THR A 347 -0.15 3.08 13.42
C THR A 347 -1.39 3.34 14.28
N SER A 348 -2.51 3.70 13.64
CA SER A 348 -3.77 3.95 14.35
C SER A 348 -4.27 2.70 15.07
N MET A 349 -4.05 1.54 14.45
CA MET A 349 -4.46 0.27 15.01
C MET A 349 -3.62 -0.15 16.21
N LEU A 350 -2.34 0.23 16.21
CA LEU A 350 -1.41 -0.23 17.25
C LEU A 350 -1.59 0.42 18.62
N TYR A 351 -2.12 1.64 18.64
CA TYR A 351 -2.21 2.42 19.89
C TYR A 351 -3.59 3.02 20.10
N HIS A 352 -4.02 3.11 21.36
CA HIS A 352 -5.31 3.72 21.68
C HIS A 352 -5.37 5.21 21.34
N HIS A 353 -4.21 5.87 21.38
CA HIS A 353 -4.09 7.27 20.96
C HIS A 353 -3.95 7.42 19.44
N HIS A 354 -3.80 6.28 18.75
CA HIS A 354 -3.70 6.20 17.27
C HIS A 354 -2.48 6.91 16.66
N GLY A 355 -1.52 7.30 17.50
CA GLY A 355 -0.33 8.04 17.06
C GLY A 355 -0.66 9.41 16.51
N ILE A 356 -1.86 9.92 16.79
CA ILE A 356 -2.31 11.20 16.24
C ILE A 356 -1.43 12.33 16.77
N ASN A 357 -0.76 13.01 15.84
CA ASN A 357 0.15 14.13 16.15
C ASN A 357 1.27 13.76 17.12
N LYS A 358 1.76 12.53 16.95
CA LYS A 358 2.83 11.96 17.75
C LYS A 358 3.89 11.45 16.76
N GLY A 359 5.18 11.62 17.04
CA GLY A 359 5.80 12.12 18.26
C GLY A 359 6.73 11.05 18.81
N PHE A 360 6.87 9.95 18.07
CA PHE A 360 7.57 8.73 18.55
C PHE A 360 9.08 8.90 18.67
N THR A 361 9.59 8.62 19.88
CA THR A 361 11.01 8.83 20.20
C THR A 361 11.90 7.60 19.95
N GLY A 362 11.30 6.42 19.92
CA GLY A 362 12.06 5.17 19.81
C GLY A 362 12.17 4.42 21.13
N ASN A 363 11.86 5.10 22.23
CA ASN A 363 11.79 4.48 23.54
C ASN A 363 10.72 3.39 23.56
N TYR A 364 11.13 2.20 23.99
CA TYR A 364 10.26 1.01 23.99
C TYR A 364 9.04 1.14 24.90
N LYS A 365 9.15 2.03 25.90
CA LYS A 365 8.02 2.35 26.77
C LYS A 365 6.82 2.87 25.98
N GLU A 366 7.08 3.56 24.88
CA GLU A 366 6.02 4.07 24.01
C GLU A 366 5.37 2.95 23.19
N TYR A 367 6.12 1.88 22.97
CA TYR A 367 5.63 0.74 22.19
C TYR A 367 4.88 -0.30 23.02
N PHE A 368 5.32 -0.51 24.26
CA PHE A 368 4.76 -1.57 25.09
C PHE A 368 4.26 -1.00 26.41
N SER A 369 2.98 -0.62 26.42
CA SER A 369 2.35 0.05 27.53
C SER A 369 0.83 -0.14 27.47
N LEU A 370 0.12 0.52 28.38
CA LEU A 370 -1.34 0.45 28.41
C LEU A 370 -1.99 1.11 27.20
N ASP A 371 -1.20 1.88 26.45
CA ASP A 371 -1.65 2.48 25.20
C ASP A 371 -1.58 1.51 24.02
N THR A 372 -0.90 0.38 24.20
CA THR A 372 -0.79 -0.61 23.14
C THR A 372 -2.11 -1.36 22.98
N ASP A 373 -2.66 -1.31 21.77
CA ASP A 373 -3.93 -1.95 21.45
C ASP A 373 -3.74 -3.44 21.14
N VAL A 374 -3.86 -4.26 22.20
CA VAL A 374 -3.67 -5.71 22.04
C VAL A 374 -4.80 -6.37 21.25
N ASP A 375 -6.02 -5.84 21.37
CA ASP A 375 -7.14 -6.29 20.53
C ASP A 375 -6.77 -6.28 19.04
N ALA A 376 -6.30 -5.13 18.57
CA ALA A 376 -5.96 -4.94 17.15
C ALA A 376 -4.75 -5.76 16.75
N ILE A 377 -3.78 -5.89 17.66
CA ILE A 377 -2.58 -6.69 17.41
C ILE A 377 -2.92 -8.17 17.30
N VAL A 378 -3.79 -8.65 18.18
CA VAL A 378 -4.27 -10.04 18.07
C VAL A 378 -4.93 -10.26 16.71
N TYR A 379 -5.78 -9.33 16.28
CA TYR A 379 -6.40 -9.44 14.95
C TYR A 379 -5.34 -9.53 13.84
N MET A 380 -4.37 -8.61 13.84
CA MET A 380 -3.33 -8.60 12.82
C MET A 380 -2.47 -9.87 12.86
N MET A 381 -2.24 -10.42 14.04
CA MET A 381 -1.52 -11.69 14.18
C MET A 381 -2.29 -12.86 13.57
N LEU A 382 -3.58 -12.95 13.91
CA LEU A 382 -4.46 -13.96 13.31
C LEU A 382 -4.53 -13.76 11.81
N ALA A 383 -4.61 -12.51 11.37
CA ALA A 383 -4.64 -12.16 9.95
C ALA A 383 -3.39 -12.68 9.23
N ASN A 384 -2.23 -12.33 9.76
CA ASN A 384 -0.96 -12.74 9.15
C ASN A 384 -0.75 -14.24 9.20
N HIS A 385 -1.14 -14.89 10.29
CA HIS A 385 -1.07 -16.36 10.34
C HIS A 385 -1.95 -16.97 9.25
N LEU A 386 -3.19 -16.49 9.15
CA LEU A 386 -4.12 -16.95 8.13
C LEU A 386 -3.60 -16.74 6.70
N MET A 387 -3.16 -15.53 6.39
CA MET A 387 -2.80 -15.18 5.01
C MET A 387 -1.59 -15.95 4.50
N HIS A 388 -0.59 -16.11 5.35
CA HIS A 388 0.64 -16.82 4.98
C HIS A 388 0.43 -18.34 4.96
N LYS A 389 -0.66 -18.80 5.58
CA LYS A 389 -1.10 -20.19 5.46
C LYS A 389 -1.78 -20.42 4.11
N LEU A 390 -2.66 -19.51 3.72
CA LEU A 390 -3.37 -19.61 2.45
C LEU A 390 -2.41 -19.44 1.27
N LEU A 391 -1.47 -18.53 1.43
CA LEU A 391 -0.51 -18.23 0.38
C LEU A 391 0.87 -17.96 1.01
N PRO A 392 1.68 -19.02 1.16
CA PRO A 392 3.01 -18.94 1.79
C PRO A 392 3.91 -17.84 1.24
N GLU A 393 3.75 -17.51 -0.04
CA GLU A 393 4.57 -16.49 -0.68
C GLU A 393 3.91 -15.12 -0.72
N ALA A 394 2.81 -14.94 0.00
CA ALA A 394 2.16 -13.64 0.11
C ALA A 394 3.10 -12.61 0.71
N THR A 395 3.01 -11.37 0.23
CA THR A 395 3.68 -10.24 0.86
C THR A 395 2.66 -9.31 1.51
N ILE A 396 2.77 -9.14 2.83
CA ILE A 396 1.88 -8.26 3.58
C ILE A 396 2.69 -7.09 4.14
N VAL A 397 2.31 -5.88 3.74
CA VAL A 397 3.03 -4.66 4.10
C VAL A 397 2.24 -3.88 5.15
N ALA A 398 2.93 -3.33 6.16
CA ALA A 398 2.28 -2.49 7.14
C ALA A 398 2.61 -1.00 6.91
N GLU A 399 1.58 -0.16 6.96
CA GLU A 399 1.78 1.28 6.96
C GLU A 399 1.83 1.73 8.41
N ASP A 400 3.04 1.80 8.97
CA ASP A 400 3.26 2.23 10.36
C ASP A 400 4.37 3.27 10.46
N VAL A 401 4.04 4.47 10.92
CA VAL A 401 5.02 5.55 11.11
C VAL A 401 5.82 5.43 12.41
N SER A 402 5.30 4.63 13.36
CA SER A 402 5.86 4.61 14.72
C SER A 402 7.16 3.83 14.88
N GLY A 403 7.42 2.86 14.00
CA GLY A 403 8.61 2.03 14.12
C GLY A 403 8.47 0.91 15.15
N MET A 404 7.23 0.44 15.33
CA MET A 404 6.93 -0.64 16.30
C MET A 404 7.82 -1.88 16.13
N PRO A 405 8.61 -2.23 17.17
CA PRO A 405 9.44 -3.43 17.08
C PRO A 405 8.61 -4.70 16.90
N VAL A 406 9.17 -5.63 16.13
CA VAL A 406 8.59 -6.95 15.81
C VAL A 406 7.26 -6.91 15.05
N LEU A 407 6.92 -5.74 14.53
CA LEU A 407 5.77 -5.60 13.64
C LEU A 407 5.98 -6.51 12.43
N CYS A 408 7.23 -6.65 12.02
CA CYS A 408 7.59 -7.39 10.81
C CYS A 408 8.42 -8.65 11.10
N ARG A 409 8.17 -9.25 12.26
CA ARG A 409 8.64 -10.61 12.53
C ARG A 409 7.45 -11.58 12.48
N PRO A 410 7.71 -12.86 12.14
CA PRO A 410 6.63 -13.84 12.02
C PRO A 410 5.87 -14.07 13.33
N VAL A 411 4.59 -14.40 13.19
CA VAL A 411 3.74 -14.76 14.33
C VAL A 411 4.36 -15.86 15.20
N ASP A 412 4.94 -16.87 14.57
CA ASP A 412 5.56 -17.99 15.31
C ASP A 412 6.76 -17.59 16.16
N GLU A 413 7.28 -16.38 15.94
CA GLU A 413 8.38 -15.84 16.72
C GLU A 413 7.87 -15.01 17.89
N GLY A 414 6.61 -14.60 17.80
CA GLY A 414 6.01 -13.69 18.75
C GLY A 414 5.73 -12.33 18.12
N GLY A 415 6.04 -12.22 16.83
CA GLY A 415 5.85 -10.96 16.10
C GLY A 415 4.43 -10.77 15.61
N VAL A 416 4.17 -9.62 14.98
CA VAL A 416 2.84 -9.32 14.44
C VAL A 416 2.59 -9.98 13.08
N GLY A 417 3.67 -10.32 12.37
CA GLY A 417 3.57 -11.17 11.19
C GLY A 417 3.66 -10.50 9.83
N PHE A 418 3.83 -9.17 9.81
CA PHE A 418 4.02 -8.45 8.54
C PHE A 418 5.36 -8.77 7.89
N ASP A 419 5.41 -8.70 6.57
CA ASP A 419 6.65 -8.98 5.83
C ASP A 419 7.53 -7.74 5.65
N PHE A 420 6.89 -6.59 5.44
CA PHE A 420 7.58 -5.33 5.24
C PHE A 420 6.83 -4.21 5.96
N ARG A 421 7.56 -3.17 6.37
CA ARG A 421 6.92 -1.91 6.71
C ARG A 421 7.38 -0.85 5.71
N LEU A 422 6.59 0.20 5.56
CA LEU A 422 6.99 1.32 4.72
C LEU A 422 7.98 2.19 5.49
N ALA A 423 9.00 2.68 4.78
CA ALA A 423 10.02 3.57 5.37
C ALA A 423 9.51 5.01 5.35
N MET A 424 8.52 5.27 6.20
CA MET A 424 7.73 6.50 6.15
C MET A 424 8.44 7.79 6.57
N ALA A 425 9.65 7.66 7.11
CA ALA A 425 10.44 8.82 7.54
C ALA A 425 11.24 9.45 6.39
N ILE A 426 11.52 8.66 5.36
CA ILE A 426 12.33 9.11 4.23
C ILE A 426 11.75 10.33 3.49
N PRO A 427 10.46 10.30 3.10
CA PRO A 427 9.95 11.44 2.32
C PRO A 427 10.01 12.77 3.08
N ASP A 428 9.82 12.73 4.40
CA ASP A 428 9.89 13.94 5.22
C ASP A 428 11.26 14.61 5.16
N ARG A 429 12.33 13.82 5.12
CA ARG A 429 13.69 14.34 4.99
C ARG A 429 13.87 15.12 3.68
N TRP A 430 13.42 14.54 2.57
CA TRP A 430 13.52 15.19 1.26
C TRP A 430 12.68 16.45 1.18
N ILE A 431 11.49 16.43 1.77
CA ILE A 431 10.60 17.59 1.78
C ILE A 431 11.27 18.76 2.50
N ASP A 432 11.75 18.51 3.72
CA ASP A 432 12.41 19.56 4.51
C ASP A 432 13.64 20.12 3.80
N TYR A 433 14.45 19.23 3.23
CA TYR A 433 15.65 19.64 2.53
C TYR A 433 15.32 20.51 1.31
N LEU A 434 14.40 20.03 0.48
CA LEU A 434 14.04 20.73 -0.74
C LEU A 434 13.30 22.05 -0.50
N LYS A 435 12.48 22.11 0.55
CA LYS A 435 11.72 23.31 0.85
C LYS A 435 12.51 24.34 1.66
N ASN A 436 13.33 23.85 2.59
CA ASN A 436 13.86 24.71 3.66
C ASN A 436 15.37 24.91 3.70
N LYS A 437 16.13 24.03 3.04
CA LYS A 437 17.58 24.10 3.14
C LYS A 437 18.25 24.32 1.79
N GLU A 438 19.10 25.35 1.75
CA GLU A 438 19.95 25.63 0.60
C GLU A 438 20.85 24.42 0.34
N ASP A 439 21.14 24.16 -0.94
CA ASP A 439 21.94 23.00 -1.33
C ASP A 439 23.25 22.87 -0.55
N ARG A 440 23.88 24.00 -0.25
CA ARG A 440 25.18 24.04 0.41
C ARG A 440 25.09 23.66 1.90
N LYS A 441 23.87 23.65 2.44
CA LYS A 441 23.67 23.33 3.84
C LYS A 441 23.13 21.92 4.06
N TRP A 442 22.93 21.18 2.96
CA TRP A 442 22.57 19.77 3.02
C TRP A 442 23.68 18.99 3.70
N SER A 443 23.31 18.19 4.70
CA SER A 443 24.26 17.32 5.38
C SER A 443 24.21 15.92 4.80
N MET A 444 25.38 15.42 4.42
CA MET A 444 25.50 14.08 3.84
C MET A 444 25.23 13.01 4.89
N SER A 445 25.73 13.23 6.10
CA SER A 445 25.50 12.30 7.22
CA SER A 445 25.49 12.30 7.21
C SER A 445 24.01 12.21 7.57
N GLU A 446 23.34 13.36 7.59
CA GLU A 446 21.91 13.43 7.91
C GLU A 446 21.07 12.65 6.89
N ILE A 447 21.41 12.79 5.61
CA ILE A 447 20.78 11.99 4.55
C ILE A 447 20.98 10.50 4.84
N VAL A 448 22.23 10.12 5.13
CA VAL A 448 22.56 8.72 5.41
C VAL A 448 21.82 8.21 6.64
N GLN A 449 21.78 9.01 7.70
CA GLN A 449 21.04 8.66 8.91
C GLN A 449 19.58 8.31 8.63
N THR A 450 18.89 9.19 7.90
CA THR A 450 17.48 8.98 7.57
C THR A 450 17.28 7.67 6.81
N LEU A 451 18.14 7.42 5.83
CA LEU A 451 18.04 6.23 5.01
C LEU A 451 18.43 4.93 5.74
N THR A 452 19.41 5.02 6.64
CA THR A 452 19.99 3.83 7.26
C THR A 452 19.58 3.56 8.70
N ASN A 453 19.04 4.56 9.40
CA ASN A 453 18.61 4.36 10.77
C ASN A 453 17.28 3.66 10.79
N ARG A 454 17.34 2.33 10.76
CA ARG A 454 16.16 1.46 10.74
C ARG A 454 16.46 0.18 11.51
N ARG A 455 15.42 -0.63 11.72
CA ARG A 455 15.58 -1.95 12.34
C ARG A 455 16.10 -2.93 11.30
N TYR A 456 17.28 -3.49 11.53
CA TYR A 456 17.90 -4.39 10.54
C TYR A 456 17.48 -5.85 10.65
N THR A 457 16.71 -6.17 11.69
CA THR A 457 16.12 -7.49 11.86
C THR A 457 14.75 -7.57 11.18
N GLU A 458 14.33 -6.47 10.57
CA GLU A 458 13.02 -6.37 9.91
CA GLU A 458 13.03 -6.38 9.91
C GLU A 458 13.16 -5.65 8.57
N LYS A 459 12.33 -6.03 7.61
CA LYS A 459 12.45 -5.51 6.24
C LYS A 459 11.58 -4.29 5.99
N CYS A 460 12.07 -3.37 5.17
CA CYS A 460 11.31 -2.18 4.87
CA CYS A 460 11.39 -2.11 4.89
C CYS A 460 11.31 -1.81 3.38
N ILE A 461 10.29 -1.06 2.98
CA ILE A 461 10.12 -0.61 1.61
C ILE A 461 10.38 0.89 1.59
N ALA A 462 11.36 1.30 0.79
CA ALA A 462 11.78 2.68 0.74
C ALA A 462 11.16 3.40 -0.46
N TYR A 463 10.88 4.68 -0.27
CA TYR A 463 10.33 5.52 -1.32
C TYR A 463 10.69 6.97 -1.01
N ALA A 464 11.01 7.72 -2.07
CA ALA A 464 11.43 9.11 -1.92
C ALA A 464 10.24 10.03 -1.73
N GLU A 465 9.10 9.61 -2.28
CA GLU A 465 7.85 10.35 -2.23
C GLU A 465 6.71 9.37 -2.47
N SER A 466 5.54 9.71 -1.95
CA SER A 466 4.34 8.95 -2.22
C SER A 466 3.19 9.95 -2.34
N HIS A 467 1.98 9.45 -2.53
CA HIS A 467 0.80 10.29 -2.58
C HIS A 467 0.65 11.02 -1.24
N ASP A 468 0.01 12.18 -1.27
CA ASP A 468 -0.11 13.08 -0.12
C ASP A 468 1.19 13.85 0.12
N ASP A 474 1.82 18.16 -0.85
CA ASP A 474 1.35 17.53 -2.08
C ASP A 474 2.38 17.64 -3.21
N LYS A 475 3.06 18.79 -3.32
CA LYS A 475 4.02 19.04 -4.41
C LYS A 475 5.07 17.94 -4.55
N THR A 476 5.24 17.44 -5.79
CA THR A 476 6.17 16.36 -6.06
C THR A 476 7.62 16.83 -5.89
N ILE A 477 8.54 15.88 -5.78
CA ILE A 477 9.97 16.19 -5.70
CA ILE A 477 9.96 16.20 -5.69
C ILE A 477 10.37 17.06 -6.90
N ALA A 478 9.99 16.62 -8.09
CA ALA A 478 10.29 17.34 -9.33
C ALA A 478 9.76 18.78 -9.28
N PHE A 479 8.56 18.95 -8.74
CA PHE A 479 7.93 20.28 -8.65
C PHE A 479 8.53 21.14 -7.53
N LEU A 480 8.94 20.51 -6.44
CA LEU A 480 9.74 21.21 -5.43
C LEU A 480 11.07 21.67 -6.00
N LEU A 481 11.62 20.89 -6.93
CA LEU A 481 12.91 21.17 -7.55
C LEU A 481 12.84 22.25 -8.63
N MET A 482 11.75 22.27 -9.39
CA MET A 482 11.68 23.05 -10.61
C MET A 482 10.51 24.03 -10.70
N ASP A 483 9.45 23.74 -9.95
CA ASP A 483 8.27 24.61 -9.85
C ASP A 483 7.68 25.03 -11.20
N LYS A 484 7.35 26.31 -11.34
CA LYS A 484 6.67 26.87 -12.51
C LYS A 484 7.45 26.66 -13.80
N GLU A 485 8.77 26.58 -13.68
CA GLU A 485 9.66 26.42 -14.83
C GLU A 485 9.42 25.14 -15.65
N MET A 486 8.74 24.15 -15.06
CA MET A 486 8.45 22.88 -15.75
C MET A 486 7.55 23.06 -16.98
N TYR A 487 6.61 23.99 -16.90
CA TYR A 487 5.64 24.21 -17.98
C TYR A 487 6.27 24.66 -19.31
N THR A 488 7.44 25.31 -19.23
CA THR A 488 8.16 25.75 -20.43
C THR A 488 9.52 25.06 -20.60
N GLY A 489 10.22 24.86 -19.47
CA GLY A 489 11.60 24.40 -19.48
C GLY A 489 11.79 22.93 -19.82
N MET A 490 10.71 22.16 -19.83
CA MET A 490 10.79 20.72 -20.10
C MET A 490 10.78 20.39 -21.59
N SER A 491 10.53 21.39 -22.42
CA SER A 491 10.61 21.24 -23.87
C SER A 491 12.08 21.18 -24.30
N ASP A 492 12.43 20.14 -25.05
CA ASP A 492 13.81 19.97 -25.52
CA ASP A 492 13.81 19.96 -25.53
C ASP A 492 14.14 20.90 -26.70
N LEU A 493 13.15 21.70 -27.11
CA LEU A 493 13.31 22.62 -28.24
C LEU A 493 14.20 23.83 -27.92
N GLN A 494 14.48 24.03 -26.65
CA GLN A 494 15.48 25.05 -26.15
CA GLN A 494 15.50 24.99 -26.21
C GLN A 494 16.43 24.26 -25.25
N PRO A 495 17.71 24.67 -25.18
CA PRO A 495 18.61 24.01 -24.21
C PRO A 495 18.07 24.17 -22.79
N ALA A 496 18.30 23.16 -21.95
CA ALA A 496 17.86 23.20 -20.57
C ALA A 496 18.49 24.35 -19.82
N SER A 497 17.68 25.03 -19.02
CA SER A 497 18.14 26.08 -18.13
C SER A 497 18.92 25.44 -16.97
N PRO A 498 19.68 26.26 -16.20
CA PRO A 498 20.32 25.75 -14.99
C PRO A 498 19.34 25.10 -14.00
N THR A 499 18.13 25.66 -13.88
CA THR A 499 17.13 25.11 -12.95
C THR A 499 16.59 23.75 -13.41
N ILE A 500 16.34 23.61 -14.71
CA ILE A 500 15.89 22.34 -15.26
C ILE A 500 16.98 21.27 -15.15
N ASN A 501 18.22 21.64 -15.47
CA ASN A 501 19.35 20.74 -15.33
C ASN A 501 19.56 20.25 -13.91
N ARG A 502 19.43 21.17 -12.95
CA ARG A 502 19.52 20.85 -11.53
C ARG A 502 18.41 19.91 -11.09
N GLY A 503 17.17 20.25 -11.43
CA GLY A 503 15.99 19.45 -11.06
C GLY A 503 16.01 18.04 -11.60
N ILE A 504 16.35 17.88 -12.88
CA ILE A 504 16.43 16.55 -13.48
C ILE A 504 17.51 15.70 -12.79
N ALA A 505 18.68 16.31 -12.59
CA ALA A 505 19.82 15.64 -11.95
C ALA A 505 19.47 15.14 -10.55
N LEU A 506 18.90 16.04 -9.74
CA LEU A 506 18.59 15.73 -8.34
C LEU A 506 17.43 14.76 -8.16
N GLN A 507 16.47 14.78 -9.09
CA GLN A 507 15.34 13.85 -9.02
C GLN A 507 15.85 12.41 -9.15
N LYS A 508 16.73 12.19 -10.12
CA LYS A 508 17.35 10.89 -10.34
C LYS A 508 18.16 10.47 -9.11
N MET A 509 18.93 11.42 -8.56
CA MET A 509 19.80 11.14 -7.42
C MET A 509 19.01 10.82 -6.14
N ILE A 510 17.95 11.58 -5.91
CA ILE A 510 17.11 11.39 -4.73
C ILE A 510 16.41 10.02 -4.78
N HIS A 511 15.85 9.68 -5.94
CA HIS A 511 15.24 8.37 -6.14
C HIS A 511 16.26 7.23 -5.94
N PHE A 512 17.44 7.38 -6.54
CA PHE A 512 18.46 6.32 -6.55
C PHE A 512 19.07 6.05 -5.17
N ILE A 513 19.41 7.10 -4.43
CA ILE A 513 19.97 6.90 -3.10
C ILE A 513 18.92 6.33 -2.13
N THR A 514 17.67 6.78 -2.29
CA THR A 514 16.55 6.27 -1.49
C THR A 514 16.38 4.78 -1.73
N MET A 515 16.39 4.36 -2.99
CA MET A 515 16.29 2.95 -3.31
C MET A 515 17.46 2.14 -2.74
N ALA A 516 18.68 2.53 -3.10
CA ALA A 516 19.88 1.75 -2.81
C ALA A 516 20.26 1.66 -1.33
N LEU A 517 19.94 2.71 -0.57
CA LEU A 517 20.34 2.83 0.84
CA LEU A 517 20.35 2.82 0.83
C LEU A 517 19.18 2.69 1.81
N GLY A 518 17.97 2.95 1.31
CA GLY A 518 16.78 3.05 2.15
C GLY A 518 16.11 1.79 2.64
N GLY A 519 16.30 0.66 1.97
CA GLY A 519 15.61 -0.53 2.41
C GLY A 519 15.82 -1.80 1.62
N ASP A 520 14.82 -2.67 1.71
CA ASP A 520 14.88 -4.02 1.21
C ASP A 520 13.84 -4.21 0.13
N GLY A 521 13.27 -3.07 -0.30
CA GLY A 521 12.27 -3.00 -1.36
C GLY A 521 12.07 -1.53 -1.71
N TYR A 522 11.37 -1.28 -2.81
CA TYR A 522 11.22 0.07 -3.34
C TYR A 522 9.78 0.35 -3.74
N LEU A 523 9.33 1.59 -3.50
CA LEU A 523 8.00 2.00 -3.93
C LEU A 523 8.05 3.32 -4.71
N ASN A 524 7.22 3.38 -5.75
CA ASN A 524 7.08 4.57 -6.59
C ASN A 524 5.59 4.78 -6.91
N PHE A 525 5.08 5.97 -6.61
CA PHE A 525 3.70 6.31 -6.97
C PHE A 525 3.59 6.78 -8.42
N MET A 526 2.59 6.24 -9.09
CA MET A 526 2.22 6.53 -10.48
C MET A 526 2.47 7.97 -10.92
N GLY A 527 3.38 8.13 -11.89
CA GLY A 527 3.71 9.44 -12.42
C GLY A 527 5.03 9.98 -11.92
N ASN A 528 5.39 9.62 -10.69
CA ASN A 528 6.62 10.13 -10.08
C ASN A 528 7.90 9.57 -10.71
N GLU A 529 7.77 8.46 -11.43
CA GLU A 529 8.92 7.85 -12.09
C GLU A 529 9.50 8.75 -13.19
N PHE A 530 8.65 9.61 -13.78
CA PHE A 530 9.12 10.56 -14.79
C PHE A 530 9.07 12.02 -14.34
N GLY A 531 8.91 12.24 -13.03
CA GLY A 531 8.85 13.59 -12.50
C GLY A 531 7.60 14.34 -12.93
N HIS A 532 6.46 13.65 -12.95
CA HIS A 532 5.17 14.27 -13.22
C HIS A 532 5.04 15.57 -12.42
N PRO A 533 4.64 16.66 -13.08
CA PRO A 533 4.59 17.98 -12.44
C PRO A 533 3.41 18.17 -11.49
N GLU A 534 3.34 19.35 -10.87
CA GLU A 534 2.21 19.75 -10.04
C GLU A 534 2.01 18.87 -8.81
N TRP A 535 0.77 18.46 -8.58
CA TRP A 535 0.39 17.67 -7.42
C TRP A 535 -0.95 16.96 -7.66
N ILE A 536 -1.35 16.11 -6.72
CA ILE A 536 -2.63 15.42 -6.80
C ILE A 536 -3.69 16.16 -6.00
N ASP A 537 -4.84 16.41 -6.64
CA ASP A 537 -5.99 17.01 -5.97
CA ASP A 537 -5.99 17.01 -5.97
C ASP A 537 -7.29 16.38 -6.51
N PHE A 538 -8.03 15.73 -5.62
CA PHE A 538 -9.28 15.08 -5.96
C PHE A 538 -10.42 16.10 -6.03
N PRO A 539 -11.53 15.74 -6.71
CA PRO A 539 -12.70 16.61 -6.72
C PRO A 539 -13.30 16.75 -5.31
N ARG A 540 -13.13 17.94 -4.73
CA ARG A 540 -13.62 18.25 -3.38
C ARG A 540 -14.53 19.46 -3.45
N GLU A 541 -15.20 19.76 -2.33
CA GLU A 541 -16.03 20.96 -2.23
C GLU A 541 -15.15 22.22 -2.25
N GLY A 542 -13.96 22.11 -1.67
CA GLY A 542 -13.03 23.23 -1.56
C GLY A 542 -12.31 23.63 -2.83
N ASN A 543 -12.45 22.80 -3.87
CA ASN A 543 -11.89 23.12 -5.18
C ASN A 543 -12.96 23.10 -6.29
N ASN A 544 -14.22 23.15 -5.86
CA ASN A 544 -15.39 23.11 -6.75
C ASN A 544 -15.44 21.86 -7.65
N TRP A 545 -15.20 20.71 -7.04
CA TRP A 545 -15.26 19.39 -7.71
C TRP A 545 -14.49 19.36 -9.03
N SER A 546 -13.21 19.72 -8.97
CA SER A 546 -12.35 19.76 -10.16
C SER A 546 -11.62 18.43 -10.38
N TYR A 547 -11.54 17.99 -11.64
CA TYR A 547 -10.83 16.76 -12.01
C TYR A 547 -9.48 17.05 -12.67
N ASP A 548 -9.04 18.30 -12.60
CA ASP A 548 -7.85 18.77 -13.33
C ASP A 548 -6.56 18.12 -12.85
N LYS A 549 -6.45 17.95 -11.54
CA LYS A 549 -5.26 17.34 -10.94
C LYS A 549 -5.57 15.92 -10.43
N CYS A 550 -6.67 15.37 -10.93
CA CYS A 550 -7.09 14.02 -10.57
C CYS A 550 -6.98 13.08 -11.78
N ARG A 551 -5.77 13.02 -12.33
CA ARG A 551 -5.47 12.32 -13.57
C ARG A 551 -3.95 12.18 -13.71
N ARG A 552 -3.50 11.51 -14.76
CA ARG A 552 -2.07 11.41 -15.05
C ARG A 552 -1.77 11.83 -16.49
N GLN A 553 -0.86 12.77 -16.65
CA GLN A 553 -0.51 13.30 -17.97
C GLN A 553 0.54 12.44 -18.64
N TRP A 554 0.11 11.28 -19.13
CA TRP A 554 1.00 10.35 -19.82
C TRP A 554 1.62 10.96 -21.06
N SER A 555 0.89 11.91 -21.67
CA SER A 555 1.38 12.64 -22.83
C SER A 555 2.72 13.33 -22.58
N LEU A 556 3.01 13.68 -21.33
CA LEU A 556 4.30 14.28 -20.98
C LEU A 556 5.46 13.32 -21.22
N VAL A 557 5.27 12.06 -20.88
CA VAL A 557 6.34 11.07 -20.98
C VAL A 557 6.37 10.45 -22.38
N ASP A 558 5.23 10.49 -23.06
CA ASP A 558 5.10 9.93 -24.40
C ASP A 558 5.61 10.87 -25.50
N THR A 559 5.82 12.14 -25.16
CA THR A 559 6.26 13.15 -26.13
C THR A 559 7.78 13.27 -26.17
N ASP A 560 8.37 12.94 -27.32
CA ASP A 560 9.83 12.88 -27.49
CA ASP A 560 9.82 12.88 -27.42
C ASP A 560 10.51 14.25 -27.40
N HIS A 561 9.77 15.31 -27.71
CA HIS A 561 10.33 16.66 -27.62
C HIS A 561 10.22 17.25 -26.21
N LEU A 562 9.93 16.40 -25.23
CA LEU A 562 9.93 16.78 -23.83
C LEU A 562 11.02 16.03 -23.06
N ARG A 563 11.34 16.52 -21.87
CA ARG A 563 12.47 15.99 -21.09
CA ARG A 563 12.47 15.98 -21.10
C ARG A 563 12.06 14.98 -20.01
N TYR A 564 10.76 14.76 -19.85
CA TYR A 564 10.26 13.78 -18.87
C TYR A 564 10.78 12.39 -19.19
N LYS A 565 10.96 12.11 -20.48
CA LYS A 565 11.48 10.82 -20.94
C LYS A 565 12.83 10.49 -20.30
N TYR A 566 13.62 11.53 -20.01
CA TYR A 566 14.93 11.37 -19.39
C TYR A 566 14.83 10.84 -17.97
N MET A 567 13.90 11.38 -17.20
CA MET A 567 13.68 10.86 -15.84
C MET A 567 13.07 9.46 -15.88
N ASN A 568 12.19 9.21 -16.85
CA ASN A 568 11.59 7.90 -17.03
C ASN A 568 12.61 6.82 -17.40
N ALA A 569 13.53 7.16 -18.29
CA ALA A 569 14.57 6.23 -18.73
C ALA A 569 15.50 5.84 -17.58
N PHE A 570 15.84 6.82 -16.74
CA PHE A 570 16.68 6.52 -15.59
C PHE A 570 15.98 5.57 -14.62
N ASP A 571 14.69 5.78 -14.41
CA ASP A 571 13.90 4.95 -13.49
C ASP A 571 13.86 3.50 -13.98
N GLN A 572 13.61 3.36 -15.28
CA GLN A 572 13.65 2.06 -15.95
C GLN A 572 15.01 1.38 -15.74
N ALA A 573 16.10 2.13 -15.91
CA ALA A 573 17.46 1.60 -15.79
C ALA A 573 17.83 1.25 -14.35
N MET A 574 17.36 2.06 -13.42
CA MET A 574 17.54 1.87 -11.99
C MET A 574 16.89 0.56 -11.52
N ASN A 575 15.66 0.33 -11.95
CA ASN A 575 14.96 -0.91 -11.65
C ASN A 575 15.61 -2.12 -12.33
N ALA A 576 16.05 -1.94 -13.57
CA ALA A 576 16.80 -2.98 -14.29
C ALA A 576 18.12 -3.32 -13.60
N LEU A 577 18.78 -2.30 -13.05
CA LEU A 577 20.03 -2.48 -12.30
C LEU A 577 19.81 -3.33 -11.05
N GLU A 578 18.70 -3.06 -10.35
CA GLU A 578 18.31 -3.84 -9.19
C GLU A 578 18.01 -5.28 -9.59
N GLU A 579 17.27 -5.45 -10.69
CA GLU A 579 16.98 -6.79 -11.22
C GLU A 579 18.26 -7.61 -11.52
N GLU A 580 19.27 -6.96 -12.13
CA GLU A 580 20.54 -7.64 -12.45
C GLU A 580 21.39 -7.97 -11.22
N PHE A 581 21.51 -7.02 -10.30
CA PHE A 581 22.48 -7.16 -9.20
C PHE A 581 21.89 -7.55 -7.85
N SER A 582 20.57 -7.40 -7.71
CA SER A 582 19.84 -7.85 -6.52
C SER A 582 20.23 -7.12 -5.22
N PHE A 583 20.66 -5.86 -5.34
CA PHE A 583 21.19 -5.15 -4.17
C PHE A 583 20.18 -4.89 -3.03
N LEU A 584 18.89 -4.80 -3.35
CA LEU A 584 17.84 -4.60 -2.32
C LEU A 584 17.74 -5.77 -1.34
N SER A 585 18.04 -6.98 -1.81
CA SER A 585 17.94 -8.18 -0.98
C SER A 585 19.29 -8.57 -0.38
N SER A 586 20.25 -7.64 -0.41
CA SER A 586 21.57 -7.84 0.16
C SER A 586 21.73 -7.18 1.53
N SER A 587 22.27 -7.93 2.48
CA SER A 587 22.56 -7.41 3.83
C SER A 587 23.89 -6.69 3.91
N LYS A 588 24.67 -6.77 2.82
CA LYS A 588 25.92 -6.01 2.69
C LYS A 588 25.60 -4.55 2.39
N GLN A 589 25.84 -3.71 3.39
CA GLN A 589 25.59 -2.28 3.26
C GLN A 589 26.60 -1.53 4.09
N ILE A 590 27.48 -0.80 3.41
CA ILE A 590 28.60 -0.12 4.05
C ILE A 590 28.72 1.29 3.51
N VAL A 591 28.45 2.28 4.37
CA VAL A 591 28.64 3.67 3.99
C VAL A 591 30.08 4.06 4.34
N SER A 592 30.91 4.21 3.32
CA SER A 592 32.35 4.36 3.50
C SER A 592 32.84 5.80 3.47
N ASP A 593 32.03 6.71 2.91
CA ASP A 593 32.42 8.11 2.79
C ASP A 593 31.22 9.04 2.91
N MET A 594 31.26 9.91 3.91
CA MET A 594 30.32 11.01 4.05
C MET A 594 31.12 12.30 4.12
N ASN A 595 31.37 12.87 2.95
CA ASN A 595 32.23 14.03 2.80
C ASN A 595 31.38 15.30 2.77
N GLU A 596 31.36 16.00 3.90
CA GLU A 596 30.49 17.17 4.08
C GLU A 596 30.93 18.37 3.25
N LYS A 597 32.23 18.61 3.20
CA LYS A 597 32.80 19.73 2.45
C LYS A 597 32.58 19.57 0.95
N ASP A 598 32.86 18.38 0.44
CA ASP A 598 32.75 18.08 -0.99
C ASP A 598 31.35 17.66 -1.43
N LYS A 599 30.48 17.37 -0.45
CA LYS A 599 29.11 16.92 -0.70
C LYS A 599 29.07 15.60 -1.46
N VAL A 600 29.84 14.62 -0.96
CA VAL A 600 29.94 13.32 -1.59
C VAL A 600 29.52 12.23 -0.62
N ILE A 601 28.74 11.28 -1.11
CA ILE A 601 28.41 10.06 -0.37
C ILE A 601 28.86 8.87 -1.20
N VAL A 602 29.61 7.97 -0.57
CA VAL A 602 30.03 6.74 -1.20
C VAL A 602 29.58 5.59 -0.32
N PHE A 603 28.98 4.58 -0.93
CA PHE A 603 28.57 3.38 -0.20
C PHE A 603 28.58 2.14 -1.07
N GLU A 604 28.61 0.99 -0.42
CA GLU A 604 28.45 -0.29 -1.09
C GLU A 604 27.11 -0.90 -0.68
N ARG A 605 26.35 -1.35 -1.66
CA ARG A 605 25.18 -2.17 -1.39
C ARG A 605 25.26 -3.40 -2.29
N GLY A 606 25.34 -4.56 -1.67
CA GLY A 606 25.60 -5.80 -2.39
C GLY A 606 26.94 -5.72 -3.09
N ASP A 607 26.93 -6.05 -4.38
CA ASP A 607 28.16 -6.05 -5.17
C ASP A 607 28.49 -4.71 -5.82
N LEU A 608 27.66 -3.70 -5.59
CA LEU A 608 27.85 -2.42 -6.25
C LEU A 608 28.44 -1.35 -5.34
N VAL A 609 29.28 -0.51 -5.92
CA VAL A 609 29.85 0.66 -5.25
C VAL A 609 29.16 1.90 -5.84
N PHE A 610 28.59 2.73 -4.97
CA PHE A 610 27.79 3.88 -5.40
C PHE A 610 28.50 5.17 -5.07
N VAL A 611 28.48 6.11 -6.00
CA VAL A 611 29.13 7.41 -5.79
C VAL A 611 28.16 8.53 -6.11
N PHE A 612 27.78 9.27 -5.06
CA PHE A 612 26.84 10.37 -5.17
C PHE A 612 27.54 11.68 -4.91
N ASN A 613 27.49 12.59 -5.89
CA ASN A 613 28.07 13.92 -5.76
C ASN A 613 26.93 14.94 -5.73
N PHE A 614 26.63 15.45 -4.54
CA PHE A 614 25.56 16.42 -4.36
C PHE A 614 26.03 17.88 -4.49
N HIS A 615 27.31 18.07 -4.80
CA HIS A 615 27.85 19.42 -4.95
C HIS A 615 27.27 20.09 -6.20
N PRO A 616 26.89 21.37 -6.08
CA PRO A 616 26.25 22.10 -7.18
C PRO A 616 27.09 22.28 -8.46
N ASN A 617 28.42 22.37 -8.34
CA ASN A 617 29.25 22.76 -9.48
C ASN A 617 30.61 22.09 -9.63
N LYS A 618 31.10 21.43 -8.58
CA LYS A 618 32.45 20.87 -8.58
C LYS A 618 32.55 19.46 -9.17
N THR A 619 33.55 19.27 -10.03
CA THR A 619 33.89 17.96 -10.59
C THR A 619 35.11 17.42 -9.85
N TYR A 620 35.01 16.19 -9.35
CA TYR A 620 36.13 15.56 -8.68
C TYR A 620 36.78 14.50 -9.58
N LYS A 621 38.00 14.81 -10.01
CA LYS A 621 38.82 13.90 -10.81
C LYS A 621 39.67 13.05 -9.87
N GLY A 622 39.77 11.77 -10.18
CA GLY A 622 40.56 10.84 -9.36
C GLY A 622 40.11 10.75 -7.91
N TYR A 623 38.79 10.81 -7.69
CA TYR A 623 38.23 10.68 -6.34
C TYR A 623 38.36 9.23 -5.89
N LYS A 624 38.99 9.04 -4.73
CA LYS A 624 39.22 7.70 -4.19
C LYS A 624 37.98 7.15 -3.50
N VAL A 625 37.53 5.99 -3.95
CA VAL A 625 36.37 5.31 -3.35
C VAL A 625 36.76 3.90 -2.88
N GLY A 626 36.33 3.54 -1.68
CA GLY A 626 36.63 2.23 -1.11
C GLY A 626 35.75 1.13 -1.68
N CYS A 627 36.30 -0.08 -1.77
CA CYS A 627 35.55 -1.25 -2.21
C CYS A 627 36.06 -2.53 -1.55
N ASP A 628 35.23 -3.57 -1.58
CA ASP A 628 35.57 -4.84 -0.95
C ASP A 628 36.53 -5.68 -1.80
N LEU A 629 36.04 -6.19 -2.93
CA LEU A 629 36.83 -7.11 -3.76
C LEU A 629 37.78 -6.37 -4.72
N PRO A 630 39.02 -6.87 -4.84
CA PRO A 630 39.98 -6.27 -5.77
C PRO A 630 39.69 -6.68 -7.21
N GLY A 631 40.16 -5.90 -8.18
CA GLY A 631 40.01 -6.23 -9.58
C GLY A 631 39.81 -5.05 -10.50
N LYS A 632 38.84 -5.18 -11.40
CA LYS A 632 38.60 -4.20 -12.44
C LYS A 632 37.14 -3.74 -12.38
N TYR A 633 36.94 -2.44 -12.17
CA TYR A 633 35.59 -1.87 -12.06
C TYR A 633 35.21 -1.00 -13.26
N ARG A 634 33.93 -1.06 -13.61
CA ARG A 634 33.37 -0.25 -14.68
C ARG A 634 32.02 0.30 -14.25
N VAL A 635 31.47 1.21 -15.05
CA VAL A 635 30.16 1.79 -14.79
C VAL A 635 29.05 0.75 -14.98
N ALA A 636 28.19 0.61 -13.97
CA ALA A 636 26.98 -0.20 -14.05
C ALA A 636 25.77 0.67 -14.37
N LEU A 637 25.66 1.82 -13.73
CA LEU A 637 24.61 2.81 -14.01
C LEU A 637 25.13 4.23 -13.78
N ASP A 638 24.96 5.08 -14.80
CA ASP A 638 25.49 6.44 -14.76
C ASP A 638 24.40 7.48 -15.02
N SER A 639 24.06 8.27 -14.00
CA SER A 639 22.99 9.28 -14.13
C SER A 639 23.33 10.38 -15.14
N ASP A 640 24.62 10.52 -15.45
CA ASP A 640 25.09 11.58 -16.35
C ASP A 640 25.10 11.16 -17.82
N ALA A 641 24.67 9.93 -18.11
CA ALA A 641 24.56 9.47 -19.49
C ALA A 641 23.59 10.36 -20.26
N LEU A 642 23.88 10.58 -21.54
CA LEU A 642 23.02 11.43 -22.37
C LEU A 642 21.58 10.92 -22.44
N VAL A 643 21.42 9.60 -22.47
CA VAL A 643 20.08 8.97 -22.48
C VAL A 643 19.24 9.32 -21.24
N PHE A 644 19.89 9.73 -20.15
CA PHE A 644 19.18 10.19 -18.97
C PHE A 644 19.18 11.72 -18.88
N GLY A 645 19.51 12.37 -19.99
CA GLY A 645 19.52 13.84 -20.07
C GLY A 645 20.71 14.49 -19.40
N GLY A 646 21.76 13.71 -19.15
CA GLY A 646 23.01 14.22 -18.56
C GLY A 646 23.96 14.80 -19.60
N HIS A 647 25.19 15.06 -19.19
CA HIS A 647 26.18 15.72 -20.05
C HIS A 647 27.19 14.77 -20.68
N GLY A 648 27.12 13.49 -20.31
CA GLY A 648 27.98 12.45 -20.89
C GLY A 648 29.45 12.57 -20.50
N ARG A 649 29.70 13.01 -19.27
CA ARG A 649 31.07 13.25 -18.81
C ARG A 649 31.77 11.99 -18.29
N VAL A 650 30.98 10.96 -17.97
CA VAL A 650 31.50 9.72 -17.40
C VAL A 650 31.60 8.60 -18.46
N GLY A 651 32.82 8.16 -18.73
CA GLY A 651 33.05 7.09 -19.70
C GLY A 651 32.60 5.73 -19.18
N HIS A 652 31.82 5.02 -19.97
CA HIS A 652 31.28 3.73 -19.53
C HIS A 652 32.23 2.58 -19.82
N ASP A 653 33.14 2.81 -20.77
CA ASP A 653 34.12 1.82 -21.20
CA ASP A 653 34.11 1.79 -21.17
C ASP A 653 35.44 1.92 -20.43
N VAL A 654 35.52 2.91 -19.55
CA VAL A 654 36.72 3.18 -18.75
C VAL A 654 36.92 2.13 -17.65
N ASP A 655 38.07 1.49 -17.65
CA ASP A 655 38.45 0.56 -16.59
C ASP A 655 38.92 1.33 -15.35
N HIS A 656 38.47 0.87 -14.18
CA HIS A 656 38.91 1.41 -12.90
C HIS A 656 39.57 0.29 -12.09
N PHE A 657 40.89 0.23 -12.14
CA PHE A 657 41.65 -0.79 -11.43
C PHE A 657 41.84 -0.44 -9.96
N THR A 658 41.75 -1.46 -9.12
CA THR A 658 41.86 -1.28 -7.67
C THR A 658 43.30 -1.26 -7.16
N SER A 659 43.51 -0.53 -6.07
CA SER A 659 44.75 -0.56 -5.31
C SER A 659 44.46 -1.13 -3.91
N PRO A 660 45.40 -1.90 -3.35
CA PRO A 660 45.22 -2.48 -2.01
C PRO A 660 45.21 -1.44 -0.89
N GLU A 661 44.48 -1.74 0.18
CA GLU A 661 44.46 -0.91 1.39
C GLU A 661 44.69 -1.76 2.63
N GLY A 662 45.30 -1.16 3.66
CA GLY A 662 45.58 -1.86 4.92
C GLY A 662 46.67 -2.91 4.82
N MET A 663 46.72 -3.81 5.80
CA MET A 663 47.70 -4.90 5.83
C MET A 663 47.03 -6.21 6.24
N ASN A 673 37.61 2.81 5.60
CA ASN A 673 37.92 1.56 6.28
C ASN A 673 37.54 0.35 5.41
N ARG A 674 37.97 0.40 4.14
CA ARG A 674 37.72 -0.66 3.17
C ARG A 674 39.04 -1.28 2.74
N PRO A 675 39.06 -2.58 2.38
CA PRO A 675 40.30 -3.29 2.07
C PRO A 675 40.93 -2.94 0.71
N ASN A 676 40.14 -2.34 -0.17
CA ASN A 676 40.60 -1.94 -1.49
C ASN A 676 39.99 -0.60 -1.91
N SER A 677 40.55 0.01 -2.95
CA SER A 677 40.04 1.28 -3.47
C SER A 677 40.32 1.45 -4.95
N PHE A 678 39.44 2.20 -5.63
CA PHE A 678 39.73 2.66 -6.98
C PHE A 678 39.41 4.15 -7.11
N LYS A 679 39.74 4.74 -8.26
CA LYS A 679 39.55 6.17 -8.46
C LYS A 679 38.55 6.46 -9.58
N VAL A 680 37.66 7.41 -9.34
CA VAL A 680 36.61 7.74 -10.31
C VAL A 680 36.57 9.22 -10.67
N LEU A 681 35.91 9.52 -11.78
CA LEU A 681 35.51 10.88 -12.10
C LEU A 681 34.10 11.09 -11.57
N SER A 682 33.88 12.18 -10.85
CA SER A 682 32.58 12.47 -10.25
C SER A 682 32.12 13.91 -10.52
N PRO A 683 31.37 14.12 -11.61
CA PRO A 683 30.87 15.44 -11.95
C PRO A 683 29.77 15.86 -10.97
N PRO A 684 29.49 17.17 -10.85
CA PRO A 684 28.53 17.67 -9.87
C PRO A 684 27.11 17.17 -10.14
N ARG A 685 26.36 16.92 -9.08
CA ARG A 685 24.99 16.39 -9.17
C ARG A 685 24.88 15.17 -10.09
N THR A 686 25.69 14.16 -9.77
CA THR A 686 25.62 12.88 -10.47
C THR A 686 25.71 11.73 -9.48
N CYS A 687 25.14 10.60 -9.89
CA CYS A 687 25.27 9.37 -9.13
C CYS A 687 25.65 8.26 -10.08
N VAL A 688 26.69 7.53 -9.74
CA VAL A 688 27.21 6.46 -10.59
C VAL A 688 27.37 5.21 -9.74
N ALA A 689 26.88 4.08 -10.27
CA ALA A 689 27.12 2.80 -9.63
C ALA A 689 28.13 2.02 -10.46
N TYR A 690 29.11 1.42 -9.76
CA TYR A 690 30.20 0.68 -10.38
C TYR A 690 30.15 -0.79 -9.99
N TYR A 691 30.47 -1.66 -10.95
CA TYR A 691 30.48 -3.11 -10.72
C TYR A 691 31.85 -3.70 -11.04
N ARG A 692 32.16 -4.83 -10.41
CA ARG A 692 33.41 -5.55 -10.64
C ARG A 692 33.28 -6.48 -11.85
N VAL A 693 34.19 -6.33 -12.80
CA VAL A 693 34.21 -7.14 -14.02
C VAL A 693 34.67 -8.57 -13.70
N ASP A 694 33.89 -9.55 -14.16
CA ASP A 694 34.08 -10.96 -13.83
C ASP A 694 35.36 -11.53 -14.43
P PO4 B . -1.87 -24.02 12.48
O1 PO4 B . -2.08 -23.79 13.96
O2 PO4 B . -2.49 -25.35 12.09
O3 PO4 B . -2.55 -22.92 11.70
O4 PO4 B . -0.40 -24.04 12.18
P PO4 C . -4.57 -11.48 -20.79
O1 PO4 C . -4.51 -11.54 -19.28
O2 PO4 C . -4.12 -12.81 -21.37
O3 PO4 C . -5.99 -11.20 -21.21
O4 PO4 C . -3.65 -10.39 -21.30
C1 GOL D . -6.22 -20.13 -1.56
O1 GOL D . -6.60 -19.82 -0.23
C2 GOL D . -4.92 -19.44 -1.97
O2 GOL D . -4.66 -19.75 -3.32
C3 GOL D . -4.97 -17.92 -1.83
O3 GOL D . -5.92 -17.36 -2.72
C1 GOL E . -2.75 7.47 12.82
O1 GOL E . -4.08 7.80 13.14
C2 GOL E . -2.21 8.35 11.70
O2 GOL E . -0.83 8.10 11.53
C3 GOL E . -2.39 9.81 12.08
O3 GOL E . -1.98 10.61 11.00
C1 GOL F . 10.96 5.26 15.16
O1 GOL F . 12.00 4.65 15.88
C2 GOL F . 11.21 6.77 15.07
O2 GOL F . 11.01 7.35 16.34
C3 GOL F . 10.31 7.40 14.02
O3 GOL F . 8.98 7.51 14.49
C1 GOL G . 22.23 26.61 -7.20
O1 GOL G . 21.61 25.88 -6.16
C2 GOL G . 22.22 25.75 -8.47
O2 GOL G . 23.50 25.23 -8.71
C3 GOL G . 21.75 26.59 -9.67
O3 GOL G . 21.69 25.75 -10.81
C1 GOL H . 16.08 27.29 0.21
O1 GOL H . 15.39 27.28 1.44
C2 GOL H . 15.43 26.32 -0.76
O2 GOL H . 16.34 25.99 -1.79
C3 GOL H . 14.15 26.90 -1.34
O3 GOL H . 14.45 27.88 -2.32
C1 GOL I . 13.10 4.82 -22.22
O1 GOL I . 12.88 3.59 -22.86
C2 GOL I . 11.88 5.23 -21.40
O2 GOL I . 10.72 4.57 -21.88
C3 GOL I . 11.72 6.74 -21.47
O3 GOL I . 10.39 7.13 -21.67
#